data_1PYT
#
_entry.id   1PYT
#
_cell.length_a   188.500
_cell.length_b   188.500
_cell.length_c   82.500
_cell.angle_alpha   90.00
_cell.angle_beta   90.00
_cell.angle_gamma   120.00
#
_symmetry.space_group_name_H-M   'H 3'
#
loop_
_entity.id
_entity.type
_entity.pdbx_description
1 polymer 'PROCARBOXYPEPTIDASE A'
2 polymer 'PROCARBOXYPEPTIDASE A'
3 polymer 'PROPROTEINASE E'
4 polymer 'CHYMOTRYPSINOGEN C'
5 non-polymer 'ZINC ION'
6 non-polymer 'CALCIUM ION'
7 water water
#
loop_
_entity_poly.entity_id
_entity_poly.type
_entity_poly.pdbx_seq_one_letter_code
_entity_poly.pdbx_strand_id
1 'polypeptide(L)'
;KEDFVGHQVLRITAADEAEVQTVKELEDLEHLQLDFWRGPGQPGSPIDVRVPFPSLQAVKVFLEAHGIRYRIMIEDVQSL
LDEEQEQMFASQSR
;
A
2 'polypeptide(L)'
;ARSTNTFNYATYHTLDEIYDFMDLLVAEHPQLVSKLQIGRSYEGRPIYVLKFSTGGSNRPAIWIDLGIHSREWITQATGV
WFAKKFTEDYGQDPSFTAILDSMDIFLEIVTNPDGFAFTHSQNRLWRKTRSVTSSSLCVGVDANRNWDAGFGKAGASSSP
CSETYHGKYANSEVEVKSIVDFVKDHGNFKAFLSIHSYSQLLLYPYGYTTQSIPDKTELNQVAKSAVEALKSLYGTSYKY
GSIITTIYQASGGSIDWSYNQGIKYSFTFELRDTGRYGFLLPASQIIPTAQETWLGVLTIMEHTLNNLY
;
B
3 'polypeptide(L)'
;FSQPFSRPSSRVVNGEDAVPYSWSWQVSLQYEKDGAFHHTCGGSLIAPDWVVTAGHCISTSRTYQVVLGEYDRSVLQGSE
QVIPINAGDLFVHPLWNSNCVACGNDIALVKLSRSAQLGDKVQLANLPPAGDILPNEAPCYISGWGRLYTGGPLPDKLQE
ALLPVVDYEHCSQYDWWGITVKKTMVCAGGDTRSGCDGDSGGPLNCPAADGSWQVHGVTSFVSAFGCNTIKKPTVFTRVS
AFIDWINETIASN
;
C
4 'polypeptide(L)'
;CGAPIFQPNLSARVVGGEDAIPHSWPWQISLQYLRDNTWRHTCGGTLITPNHVLTAAHCISNTLTYRVALGKNNLEVEDE
AGSLYVGVDTIFVHEKWNSFLVRNDIALIKLAETVELGDTIQVACLPSEGSLLPQDYPCFVTGWGRLYTNGPIAAELQQG
LQPVVDYATCSQRDWWGTTVKETMVCAGGDGVISACNGDSGGPLNCQADGQWDVRGIVSFGSGLSCNTFKKPTVFTRVSA
YIDWINQKLQL
;
D
#
# COMPACT_ATOMS: atom_id res chain seq x y z
N LYS A 1 5.65 -11.60 10.89
CA LYS A 1 5.10 -10.24 10.66
C LYS A 1 3.59 -10.37 10.55
N GLU A 2 2.89 -9.26 10.76
CA GLU A 2 1.43 -9.22 10.71
C GLU A 2 0.87 -9.73 9.40
N ASP A 3 -0.31 -10.33 9.48
CA ASP A 3 -1.01 -10.88 8.32
C ASP A 3 -2.14 -9.93 7.97
N PHE A 4 -2.25 -9.54 6.70
CA PHE A 4 -3.32 -8.64 6.35
C PHE A 4 -4.06 -9.13 5.11
N VAL A 5 -3.83 -10.38 4.73
CA VAL A 5 -4.50 -10.91 3.56
C VAL A 5 -6.01 -10.77 3.69
N GLY A 6 -6.63 -10.13 2.70
CA GLY A 6 -8.07 -9.99 2.72
C GLY A 6 -8.67 -8.89 3.55
N HIS A 7 -7.85 -8.15 4.28
CA HIS A 7 -8.38 -7.05 5.09
C HIS A 7 -8.86 -6.00 4.11
N GLN A 8 -9.63 -5.03 4.57
CA GLN A 8 -10.14 -3.99 3.70
C GLN A 8 -10.27 -2.69 4.43
N VAL A 9 -9.97 -1.61 3.74
CA VAL A 9 -10.10 -0.29 4.35
C VAL A 9 -11.37 0.20 3.68
N LEU A 10 -12.28 0.70 4.49
CA LEU A 10 -13.57 1.18 4.08
C LEU A 10 -13.66 2.66 4.34
N ARG A 11 -14.48 3.36 3.58
CA ARG A 11 -14.67 4.79 3.80
C ARG A 11 -16.11 5.02 4.28
N ILE A 12 -16.29 5.11 5.58
CA ILE A 12 -17.63 5.30 6.09
C ILE A 12 -17.93 6.79 6.06
N THR A 13 -19.19 7.15 5.92
CA THR A 13 -19.63 8.55 5.93
C THR A 13 -20.89 8.63 6.81
N ALA A 14 -20.75 9.22 7.99
CA ALA A 14 -21.89 9.37 8.86
C ALA A 14 -22.44 10.73 8.51
N ALA A 15 -23.65 10.73 7.96
CA ALA A 15 -24.33 11.94 7.55
C ALA A 15 -24.45 12.94 8.69
N ASP A 16 -24.98 12.49 9.83
CA ASP A 16 -25.12 13.42 10.94
C ASP A 16 -24.71 12.77 12.24
N GLU A 17 -24.48 13.59 13.26
CA GLU A 17 -24.04 13.12 14.59
C GLU A 17 -24.58 11.74 14.98
N ALA A 18 -25.82 11.47 14.61
CA ALA A 18 -26.43 10.18 14.90
C ALA A 18 -25.64 9.07 14.23
N GLU A 19 -25.40 9.20 12.93
CA GLU A 19 -24.65 8.17 12.23
C GLU A 19 -23.24 8.01 12.79
N VAL A 20 -22.73 9.07 13.41
CA VAL A 20 -21.41 9.08 14.02
C VAL A 20 -21.38 8.26 15.32
N GLN A 21 -22.35 8.46 16.20
CA GLN A 21 -22.40 7.67 17.45
C GLN A 21 -22.51 6.15 17.17
N THR A 22 -23.17 5.77 16.09
CA THR A 22 -23.32 4.35 15.77
C THR A 22 -22.04 3.70 15.24
N VAL A 23 -21.22 4.48 14.52
CA VAL A 23 -19.93 3.93 14.02
C VAL A 23 -18.97 3.84 15.21
N LYS A 24 -19.23 4.64 16.24
CA LYS A 24 -18.46 4.63 17.47
C LYS A 24 -18.93 3.47 18.34
N GLU A 25 -20.21 3.10 18.21
CA GLU A 25 -20.76 1.98 18.99
C GLU A 25 -20.20 0.66 18.46
N LEU A 26 -19.35 0.79 17.45
CA LEU A 26 -18.70 -0.35 16.82
C LEU A 26 -17.23 -0.31 17.24
N GLU A 27 -16.81 0.85 17.73
CA GLU A 27 -15.42 1.06 18.17
C GLU A 27 -15.22 0.44 19.53
N ASP A 28 -16.26 0.49 20.36
CA ASP A 28 -16.23 -0.08 21.70
C ASP A 28 -16.03 -1.59 21.61
N LEU A 29 -16.58 -2.18 20.55
CA LEU A 29 -16.50 -3.63 20.30
C LEU A 29 -15.09 -4.07 20.02
N GLU A 30 -14.34 -4.25 21.11
CA GLU A 30 -12.96 -4.65 21.07
C GLU A 30 -12.67 -5.87 20.23
N HIS A 31 -13.51 -6.89 20.32
CA HIS A 31 -13.28 -8.12 19.54
C HIS A 31 -13.15 -7.98 18.01
N LEU A 32 -13.66 -6.89 17.45
CA LEU A 32 -13.61 -6.67 15.99
C LEU A 32 -12.21 -6.34 15.45
N GLN A 33 -11.39 -5.75 16.32
CA GLN A 33 -10.02 -5.35 16.00
C GLN A 33 -9.93 -4.41 14.83
N LEU A 34 -10.71 -3.34 14.92
CA LEU A 34 -10.73 -2.33 13.89
C LEU A 34 -9.53 -1.46 14.03
N ASP A 35 -8.98 -1.08 12.89
CA ASP A 35 -7.84 -0.19 12.87
C ASP A 35 -8.35 1.06 12.21
N PHE A 36 -8.74 2.06 12.99
CA PHE A 36 -9.27 3.28 12.42
C PHE A 36 -8.21 4.13 11.79
N TRP A 37 -8.11 4.17 10.46
CA TRP A 37 -7.11 5.03 9.82
C TRP A 37 -7.53 6.51 9.89
N ARG A 38 -8.84 6.77 9.88
CA ARG A 38 -9.31 8.13 9.97
C ARG A 38 -10.54 8.04 10.86
N GLY A 39 -10.25 7.85 12.15
CA GLY A 39 -11.26 7.68 13.17
C GLY A 39 -12.34 8.72 13.06
N PRO A 40 -13.48 8.50 13.74
CA PRO A 40 -14.68 9.34 13.80
C PRO A 40 -14.40 10.79 14.16
N GLY A 41 -15.12 11.70 13.52
CA GLY A 41 -14.99 13.12 13.79
C GLY A 41 -16.32 13.83 13.60
N GLN A 42 -16.27 15.01 13.00
CA GLN A 42 -17.47 15.79 12.74
C GLN A 42 -18.15 15.01 11.64
N PRO A 43 -19.49 15.03 11.60
CA PRO A 43 -20.17 14.30 10.53
C PRO A 43 -19.72 14.94 9.22
N GLY A 44 -19.75 14.20 8.13
CA GLY A 44 -19.32 14.77 6.86
C GLY A 44 -17.90 14.41 6.52
N SER A 45 -17.01 14.41 7.51
CA SER A 45 -15.60 14.04 7.29
C SER A 45 -15.54 12.54 7.00
N PRO A 46 -14.49 12.07 6.33
CA PRO A 46 -14.47 10.63 6.09
C PRO A 46 -13.91 9.81 7.26
N ILE A 47 -14.41 8.59 7.41
CA ILE A 47 -14.00 7.64 8.46
C ILE A 47 -13.41 6.47 7.71
N ASP A 48 -12.10 6.40 7.71
CA ASP A 48 -11.38 5.34 7.03
C ASP A 48 -11.03 4.34 8.13
N VAL A 49 -11.23 3.06 7.87
CA VAL A 49 -10.97 2.04 8.85
C VAL A 49 -10.52 0.76 8.18
N ARG A 50 -9.58 0.04 8.80
CA ARG A 50 -9.17 -1.26 8.25
C ARG A 50 -9.89 -2.28 9.09
N VAL A 51 -10.77 -3.06 8.48
CA VAL A 51 -11.51 -4.05 9.23
C VAL A 51 -10.98 -5.38 8.79
N PRO A 52 -10.46 -6.18 9.76
CA PRO A 52 -9.90 -7.51 9.53
C PRO A 52 -10.85 -8.41 8.80
N PHE A 53 -10.33 -9.41 8.12
CA PHE A 53 -11.20 -10.29 7.38
C PHE A 53 -12.27 -10.99 8.21
N PRO A 54 -11.95 -11.51 9.40
CA PRO A 54 -13.05 -12.16 10.11
C PRO A 54 -14.15 -11.22 10.55
N SER A 55 -13.85 -9.93 10.72
CA SER A 55 -14.87 -9.00 11.15
C SER A 55 -15.45 -8.22 9.97
N LEU A 56 -15.04 -8.64 8.79
CA LEU A 56 -15.41 -8.00 7.53
C LEU A 56 -16.90 -7.95 7.22
N GLN A 57 -17.53 -9.12 7.12
CA GLN A 57 -18.94 -9.20 6.80
C GLN A 57 -19.86 -8.67 7.89
N ALA A 58 -19.51 -8.98 9.14
CA ALA A 58 -20.27 -8.52 10.29
C ALA A 58 -20.24 -7.01 10.39
N VAL A 59 -19.11 -6.39 10.06
CA VAL A 59 -19.07 -4.93 10.14
C VAL A 59 -19.95 -4.32 9.06
N LYS A 60 -19.82 -4.83 7.84
CA LYS A 60 -20.62 -4.35 6.71
C LYS A 60 -22.12 -4.41 7.02
N VAL A 61 -22.67 -5.61 7.23
CA VAL A 61 -24.10 -5.73 7.57
C VAL A 61 -24.51 -4.84 8.74
N PHE A 62 -23.59 -4.59 9.67
CA PHE A 62 -23.88 -3.72 10.80
C PHE A 62 -24.17 -2.37 10.19
N LEU A 63 -23.26 -1.94 9.32
CA LEU A 63 -23.34 -0.68 8.62
C LEU A 63 -24.62 -0.65 7.77
N GLU A 64 -24.73 -1.60 6.83
CA GLU A 64 -25.90 -1.71 5.94
C GLU A 64 -27.21 -1.63 6.70
N ALA A 65 -27.32 -2.43 7.75
CA ALA A 65 -28.51 -2.49 8.60
C ALA A 65 -28.87 -1.17 9.22
N HIS A 66 -27.86 -0.31 9.43
CA HIS A 66 -28.09 1.00 10.04
C HIS A 66 -28.23 2.06 8.98
N GLY A 67 -28.25 1.63 7.74
CA GLY A 67 -28.36 2.59 6.64
C GLY A 67 -27.24 3.60 6.68
N ILE A 68 -26.01 3.08 6.73
CA ILE A 68 -24.83 3.93 6.76
C ILE A 68 -24.00 3.55 5.55
N ARG A 69 -23.65 4.57 4.77
CA ARG A 69 -22.89 4.38 3.54
C ARG A 69 -21.37 4.29 3.66
N TYR A 70 -20.82 3.32 2.95
CA TYR A 70 -19.41 3.05 2.93
C TYR A 70 -19.05 2.51 1.59
N ARG A 71 -17.83 2.77 1.20
CA ARG A 71 -17.32 2.26 -0.05
C ARG A 71 -16.00 1.63 0.33
N ILE A 72 -15.50 0.76 -0.52
CA ILE A 72 -14.25 0.08 -0.27
C ILE A 72 -13.12 0.83 -0.97
N MET A 73 -12.26 1.46 -0.16
CA MET A 73 -11.10 2.22 -0.64
C MET A 73 -10.01 1.30 -1.09
N ILE A 74 -9.64 0.36 -0.20
CA ILE A 74 -8.59 -0.62 -0.47
C ILE A 74 -9.25 -1.98 -0.32
N GLU A 75 -9.19 -2.78 -1.36
CA GLU A 75 -9.83 -4.09 -1.37
C GLU A 75 -9.10 -5.21 -0.63
N ASP A 76 -7.78 -5.18 -0.65
CA ASP A 76 -6.95 -6.18 0.01
C ASP A 76 -5.63 -5.49 0.43
N VAL A 77 -5.56 -5.11 1.70
CA VAL A 77 -4.40 -4.45 2.25
C VAL A 77 -3.11 -5.26 2.08
N GLN A 78 -3.12 -6.58 2.27
CA GLN A 78 -1.88 -7.30 2.12
C GLN A 78 -1.30 -7.11 0.76
N SER A 79 -2.13 -7.07 -0.28
CA SER A 79 -1.57 -6.86 -1.62
C SER A 79 -0.82 -5.55 -1.84
N LEU A 80 -1.23 -4.47 -1.16
CA LEU A 80 -0.53 -3.17 -1.24
C LEU A 80 0.83 -3.33 -0.58
N LEU A 81 0.82 -3.76 0.67
CA LEU A 81 2.02 -3.97 1.44
C LEU A 81 2.94 -4.82 0.61
N ASP A 82 2.38 -5.79 -0.10
CA ASP A 82 3.17 -6.68 -0.91
C ASP A 82 3.89 -5.97 -2.04
N GLU A 83 3.26 -4.93 -2.59
CA GLU A 83 3.85 -4.11 -3.65
C GLU A 83 4.96 -3.25 -3.05
N GLU A 84 4.62 -2.51 -2.00
CA GLU A 84 5.57 -1.67 -1.30
C GLU A 84 6.86 -2.39 -1.02
N GLN A 85 6.73 -3.53 -0.35
CA GLN A 85 7.86 -4.34 0.03
C GLN A 85 8.67 -4.77 -1.20
N GLU A 86 7.99 -5.01 -2.31
CA GLU A 86 8.64 -5.42 -3.55
C GLU A 86 9.40 -4.28 -4.22
N GLN A 87 8.94 -3.06 -4.02
CA GLN A 87 9.58 -1.91 -4.59
C GLN A 87 10.91 -1.68 -3.82
N MET A 88 10.78 -1.67 -2.50
CA MET A 88 11.91 -1.48 -1.61
C MET A 88 13.04 -2.43 -1.95
N PHE A 89 12.72 -3.69 -2.14
CA PHE A 89 13.75 -4.66 -2.46
C PHE A 89 14.37 -4.31 -3.81
N ALA A 90 13.52 -4.06 -4.80
CA ALA A 90 14.00 -3.73 -6.12
C ALA A 90 14.93 -2.53 -6.11
N SER A 91 14.78 -1.68 -5.09
CA SER A 91 15.58 -0.46 -4.99
C SER A 91 16.65 -0.38 -3.86
N GLN A 92 17.24 -1.51 -3.47
CA GLN A 92 18.21 -1.50 -2.38
C GLN A 92 19.72 -1.51 -2.69
N SER A 93 20.43 -0.57 -2.06
CA SER A 93 21.86 -0.47 -2.21
C SER A 93 22.46 0.37 -1.11
N ARG A 94 23.77 0.36 -1.02
CA ARG A 94 24.41 1.15 0.00
C ARG A 94 25.01 2.33 -0.73
N ALA B 1 24.47 3.52 -0.44
CA ALA B 1 24.89 4.76 -1.06
C ALA B 1 26.20 5.13 -0.40
N ARG B 2 27.21 5.45 -1.19
CA ARG B 2 28.48 5.81 -0.59
C ARG B 2 28.57 7.30 -0.38
N SER B 3 27.61 8.00 -0.96
CA SER B 3 27.53 9.45 -0.88
C SER B 3 26.06 9.72 -0.79
N THR B 4 25.70 10.94 -0.52
CA THR B 4 24.30 11.30 -0.45
C THR B 4 23.80 11.77 -1.84
N ASN B 5 24.69 11.69 -2.84
CA ASN B 5 24.38 12.03 -4.23
C ASN B 5 23.99 10.79 -5.03
N THR B 6 23.94 9.65 -4.37
CA THR B 6 23.50 8.41 -5.02
C THR B 6 22.53 7.66 -4.11
N PHE B 7 22.14 8.29 -3.01
CA PHE B 7 21.20 7.69 -2.09
C PHE B 7 19.87 7.77 -2.79
N ASN B 8 19.13 6.67 -2.76
CA ASN B 8 17.83 6.59 -3.40
C ASN B 8 16.77 7.27 -2.55
N TYR B 9 16.31 8.43 -2.99
CA TYR B 9 15.28 9.16 -2.26
C TYR B 9 13.88 8.71 -2.65
N ALA B 10 13.80 7.80 -3.62
CA ALA B 10 12.53 7.32 -4.17
C ALA B 10 12.08 5.95 -3.71
N THR B 11 12.31 5.67 -2.44
CA THR B 11 11.92 4.40 -1.87
C THR B 11 11.78 4.63 -0.39
N TYR B 12 11.41 3.58 0.34
CA TYR B 12 11.27 3.74 1.79
C TYR B 12 12.47 3.06 2.44
N HIS B 13 13.04 3.68 3.48
CA HIS B 13 14.22 3.14 4.18
C HIS B 13 14.00 2.62 5.62
N THR B 14 14.95 1.79 6.06
CA THR B 14 14.94 1.20 7.40
C THR B 14 15.61 2.18 8.32
N LEU B 15 15.36 2.08 9.63
CA LEU B 15 15.97 2.99 10.61
C LEU B 15 17.47 3.15 10.36
N ASP B 16 18.13 2.05 10.11
CA ASP B 16 19.55 2.05 9.85
C ASP B 16 19.93 2.95 8.70
N GLU B 17 19.41 2.65 7.51
CA GLU B 17 19.71 3.42 6.32
C GLU B 17 19.50 4.90 6.56
N ILE B 18 18.46 5.24 7.30
CA ILE B 18 18.19 6.65 7.58
C ILE B 18 19.26 7.22 8.50
N TYR B 19 19.75 6.40 9.42
CA TYR B 19 20.77 6.82 10.39
C TYR B 19 22.13 6.99 9.71
N ASP B 20 22.38 6.15 8.71
CA ASP B 20 23.60 6.23 7.96
C ASP B 20 23.54 7.41 7.03
N PHE B 21 22.35 7.77 6.55
CA PHE B 21 22.24 8.94 5.68
C PHE B 21 22.64 10.20 6.48
N MET B 22 22.09 10.36 7.69
CA MET B 22 22.42 11.53 8.50
C MET B 22 23.92 11.71 8.64
N ASP B 23 24.67 10.59 8.70
CA ASP B 23 26.14 10.61 8.85
C ASP B 23 26.91 11.09 7.62
N LEU B 24 26.45 10.69 6.44
CA LEU B 24 27.08 11.13 5.23
C LEU B 24 26.83 12.62 5.05
N LEU B 25 25.57 13.03 5.11
CA LEU B 25 25.24 14.44 4.94
C LEU B 25 26.14 15.27 5.85
N VAL B 26 26.21 14.85 7.11
CA VAL B 26 27.04 15.55 8.09
C VAL B 26 28.49 15.51 7.61
N ALA B 27 29.01 14.32 7.36
CA ALA B 27 30.39 14.22 6.90
C ALA B 27 30.65 14.97 5.59
N GLU B 28 29.58 15.28 4.86
CA GLU B 28 29.72 15.95 3.59
C GLU B 28 29.63 17.44 3.68
N HIS B 29 28.78 17.94 4.56
CA HIS B 29 28.65 19.38 4.67
C HIS B 29 28.92 19.74 6.11
N PRO B 30 30.12 19.43 6.60
CA PRO B 30 30.56 19.68 7.97
C PRO B 30 30.37 21.07 8.48
N GLN B 31 30.41 22.03 7.59
CA GLN B 31 30.25 23.41 8.01
C GLN B 31 28.79 23.80 8.17
N LEU B 32 27.89 23.05 7.53
CA LEU B 32 26.46 23.37 7.58
C LEU B 32 25.57 22.51 8.47
N VAL B 33 25.89 21.22 8.56
CA VAL B 33 25.11 20.25 9.33
C VAL B 33 25.85 19.62 10.50
N SER B 34 25.09 19.29 11.55
CA SER B 34 25.60 18.67 12.76
C SER B 34 24.52 17.76 13.35
N LYS B 35 24.92 16.56 13.75
CA LYS B 35 23.99 15.56 14.30
C LYS B 35 24.02 15.52 15.80
N LEU B 36 22.93 15.96 16.43
CA LEU B 36 22.80 15.97 17.88
C LEU B 36 21.98 14.74 18.34
N GLN B 37 22.29 14.20 19.52
CA GLN B 37 21.54 13.09 20.08
C GLN B 37 20.85 13.66 21.31
N ILE B 38 19.52 13.71 21.24
CA ILE B 38 18.78 14.31 22.33
C ILE B 38 18.31 13.35 23.45
N GLY B 39 18.62 12.07 23.30
CA GLY B 39 18.26 11.11 24.32
C GLY B 39 18.24 9.73 23.73
N ARG B 40 17.55 8.82 24.41
CA ARG B 40 17.43 7.44 23.94
C ARG B 40 15.97 7.02 24.06
N SER B 41 15.52 6.17 23.15
CA SER B 41 14.14 5.70 23.17
C SER B 41 14.01 4.59 24.19
N TYR B 42 12.77 4.31 24.59
CA TYR B 42 12.49 3.26 25.56
C TYR B 42 13.35 1.99 25.42
N GLU B 43 13.48 1.48 24.19
CA GLU B 43 14.28 0.28 23.92
C GLU B 43 15.80 0.55 23.68
N GLY B 44 16.24 1.74 24.06
CA GLY B 44 17.65 2.11 23.94
C GLY B 44 18.22 2.69 22.66
N ARG B 45 17.43 2.90 21.62
CA ARG B 45 17.96 3.47 20.36
C ARG B 45 18.20 4.95 20.49
N PRO B 46 19.30 5.47 19.91
CA PRO B 46 19.50 6.91 20.04
C PRO B 46 18.46 7.73 19.26
N ILE B 47 18.20 8.94 19.73
CA ILE B 47 17.22 9.82 19.09
C ILE B 47 17.99 11.04 18.53
N TYR B 48 18.18 11.09 17.22
CA TYR B 48 18.92 12.19 16.57
C TYR B 48 18.09 13.37 16.01
N VAL B 49 18.70 14.54 16.06
CA VAL B 49 18.13 15.78 15.57
C VAL B 49 19.27 16.30 14.73
N LEU B 50 19.00 16.72 13.50
CA LEU B 50 20.05 17.28 12.64
C LEU B 50 19.93 18.81 12.79
N LYS B 51 21.04 19.49 13.05
CA LYS B 51 21.07 20.94 13.20
C LYS B 51 21.76 21.62 12.02
N PHE B 52 21.02 22.48 11.31
CA PHE B 52 21.53 23.20 10.14
C PHE B 52 21.83 24.60 10.59
N SER B 53 23.10 25.01 10.49
CA SER B 53 23.50 26.32 10.96
C SER B 53 24.63 26.92 10.18
N THR B 54 24.81 28.22 10.36
CA THR B 54 25.89 28.97 9.73
C THR B 54 26.80 29.61 10.81
N GLY B 55 26.31 29.71 12.05
CA GLY B 55 27.13 30.26 13.12
C GLY B 55 26.33 30.94 14.21
N GLY B 56 27.01 31.79 14.97
CA GLY B 56 26.37 32.54 16.03
C GLY B 56 26.10 31.70 17.25
N SER B 57 25.63 32.30 18.34
CA SER B 57 25.34 31.49 19.52
C SER B 57 23.91 31.65 20.00
N ASN B 58 23.14 30.60 19.80
CA ASN B 58 21.75 30.55 20.20
C ASN B 58 20.89 31.48 19.34
N ARG B 59 20.99 31.33 18.03
CA ARG B 59 20.18 32.15 17.12
C ARG B 59 18.75 31.58 17.19
N PRO B 60 17.76 32.38 16.77
CA PRO B 60 16.36 31.90 16.80
C PRO B 60 16.30 30.66 15.88
N ALA B 61 15.36 29.74 16.14
CA ALA B 61 15.30 28.51 15.35
C ALA B 61 13.94 28.02 14.99
N ILE B 62 13.94 27.01 14.12
CA ILE B 62 12.74 26.36 13.64
C ILE B 62 12.87 24.89 14.03
N TRP B 63 11.77 24.30 14.48
CA TRP B 63 11.74 22.91 14.86
C TRP B 63 10.86 22.18 13.86
N ILE B 64 11.35 21.07 13.34
CA ILE B 64 10.59 20.26 12.40
C ILE B 64 10.72 18.79 12.85
N ASP B 65 9.63 18.17 13.30
CA ASP B 65 9.70 16.76 13.68
C ASP B 65 8.89 15.89 12.74
N LEU B 66 9.39 14.73 12.37
CA LEU B 66 8.66 13.86 11.49
C LEU B 66 8.62 12.49 12.15
N GLY B 67 7.79 11.61 11.61
CA GLY B 67 7.71 10.26 12.12
C GLY B 67 7.27 10.00 13.53
N ILE B 68 6.43 10.84 14.11
CA ILE B 68 6.00 10.59 15.47
C ILE B 68 4.95 9.45 15.59
N HIS B 69 4.30 9.11 14.48
CA HIS B 69 3.35 8.00 14.39
C HIS B 69 4.08 7.27 13.30
N SER B 70 4.76 6.20 13.65
CA SER B 70 5.63 5.48 12.72
C SER B 70 5.16 4.85 11.40
N ARG B 71 3.85 4.54 11.30
CA ARG B 71 3.24 3.95 10.09
C ARG B 71 3.16 4.96 8.93
N GLU B 72 3.12 6.25 9.29
CA GLU B 72 3.05 7.35 8.34
C GLU B 72 4.41 7.51 7.66
N TRP B 73 4.80 6.47 6.93
CA TRP B 73 6.09 6.43 6.29
C TRP B 73 6.49 7.54 5.33
N ILE B 74 5.53 8.31 4.84
CA ILE B 74 5.84 9.38 3.89
C ILE B 74 6.52 10.53 4.62
N THR B 75 6.37 10.62 5.93
CA THR B 75 6.98 11.70 6.68
C THR B 75 8.49 11.51 6.95
N GLN B 76 8.94 10.28 7.16
CA GLN B 76 10.33 10.05 7.39
C GLN B 76 11.05 10.29 6.08
N ALA B 77 10.53 9.70 5.00
CA ALA B 77 11.12 9.85 3.68
C ALA B 77 11.13 11.27 3.17
N THR B 78 10.15 12.08 3.51
CA THR B 78 10.20 13.45 3.02
C THR B 78 11.12 14.20 3.98
N GLY B 79 11.35 13.63 5.16
CA GLY B 79 12.24 14.25 6.13
C GLY B 79 13.66 14.12 5.63
N VAL B 80 13.98 12.97 5.03
CA VAL B 80 15.32 12.72 4.50
C VAL B 80 15.57 13.69 3.34
N TRP B 81 14.54 13.89 2.53
CA TRP B 81 14.62 14.78 1.37
C TRP B 81 14.83 16.21 1.86
N PHE B 82 14.01 16.69 2.80
CA PHE B 82 14.20 18.04 3.32
C PHE B 82 15.65 18.22 3.77
N ALA B 83 16.26 17.15 4.27
CA ALA B 83 17.64 17.22 4.71
C ALA B 83 18.56 17.62 3.56
N LYS B 84 18.45 16.90 2.45
CA LYS B 84 19.27 17.17 1.27
C LYS B 84 18.90 18.54 0.72
N LYS B 85 17.61 18.83 0.65
CA LYS B 85 17.18 20.11 0.15
C LYS B 85 17.97 21.22 0.84
N PHE B 86 17.91 21.28 2.17
CA PHE B 86 18.59 22.31 2.94
C PHE B 86 20.05 22.57 2.55
N THR B 87 20.79 21.51 2.20
CA THR B 87 22.19 21.67 1.88
C THR B 87 22.45 22.01 0.39
N GLU B 88 21.47 21.77 -0.47
CA GLU B 88 21.64 22.07 -1.88
C GLU B 88 21.30 23.52 -2.20
N ASP B 89 20.27 24.02 -1.53
CA ASP B 89 19.78 25.36 -1.75
C ASP B 89 20.46 26.44 -0.97
N TYR B 90 21.30 26.12 0.01
CA TYR B 90 21.95 27.22 0.72
C TYR B 90 23.10 27.79 -0.11
N GLY B 91 23.06 29.10 -0.33
CA GLY B 91 24.06 29.78 -1.13
C GLY B 91 23.71 29.69 -2.63
N GLN B 92 22.42 29.49 -2.90
CA GLN B 92 21.91 29.37 -4.26
C GLN B 92 20.53 29.97 -4.24
N ASP B 93 19.69 29.49 -3.34
CA ASP B 93 18.34 30.04 -3.27
C ASP B 93 18.27 31.16 -2.28
N PRO B 94 18.14 32.40 -2.76
CA PRO B 94 18.06 33.58 -1.89
C PRO B 94 16.98 33.57 -0.82
N SER B 95 15.89 32.86 -1.03
CA SER B 95 14.83 32.87 -0.02
C SER B 95 15.24 32.06 1.22
N PHE B 96 15.85 30.91 0.98
CA PHE B 96 16.32 29.98 2.02
C PHE B 96 17.68 30.43 2.57
N THR B 97 18.56 30.83 1.65
CA THR B 97 19.86 31.31 2.01
C THR B 97 19.65 32.42 3.04
N ALA B 98 18.71 33.30 2.80
CA ALA B 98 18.46 34.39 3.73
C ALA B 98 18.02 33.92 5.10
N ILE B 99 17.38 32.73 5.15
CA ILE B 99 16.88 32.18 6.41
C ILE B 99 18.00 31.56 7.23
N LEU B 100 18.85 30.75 6.60
CA LEU B 100 19.95 30.13 7.32
C LEU B 100 21.05 31.09 7.78
N ASP B 101 20.84 32.40 7.59
CA ASP B 101 21.83 33.40 8.00
C ASP B 101 21.38 34.09 9.25
N SER B 102 20.12 33.89 9.63
CA SER B 102 19.59 34.54 10.80
C SER B 102 19.10 33.57 11.88
N MET B 103 18.71 32.37 11.47
CA MET B 103 18.17 31.33 12.37
C MET B 103 18.79 29.96 12.17
N ASP B 104 18.33 28.97 12.93
CA ASP B 104 18.81 27.60 12.80
C ASP B 104 17.65 26.70 12.57
N ILE B 105 17.87 25.59 11.91
CA ILE B 105 16.78 24.65 11.69
C ILE B 105 17.19 23.33 12.31
N PHE B 106 16.34 22.83 13.21
CA PHE B 106 16.58 21.54 13.86
C PHE B 106 15.59 20.60 13.19
N LEU B 107 16.07 19.52 12.61
CA LEU B 107 15.22 18.57 11.91
C LEU B 107 15.24 17.22 12.58
N GLU B 108 14.09 16.74 13.04
CA GLU B 108 14.05 15.42 13.63
C GLU B 108 13.33 14.46 12.69
N ILE B 109 14.08 13.73 11.87
CA ILE B 109 13.53 12.80 10.90
C ILE B 109 12.79 11.58 11.46
N VAL B 110 13.29 11.00 12.56
CA VAL B 110 12.62 9.82 13.14
C VAL B 110 12.40 10.06 14.61
N THR B 111 11.27 10.69 14.93
CA THR B 111 10.86 11.04 16.26
C THR B 111 10.53 9.85 17.14
N ASN B 112 10.01 8.77 16.54
CA ASN B 112 9.68 7.53 17.24
C ASN B 112 10.46 6.37 16.55
N PRO B 113 11.72 6.13 16.98
CA PRO B 113 12.55 5.08 16.40
C PRO B 113 12.15 3.62 16.65
N ASP B 114 11.62 3.33 17.84
CA ASP B 114 11.21 1.96 18.21
C ASP B 114 9.97 1.59 17.41
N GLY B 115 9.02 2.53 17.35
CA GLY B 115 7.82 2.30 16.59
C GLY B 115 8.21 2.07 15.16
N PHE B 116 9.09 2.92 14.64
CA PHE B 116 9.56 2.81 13.26
C PHE B 116 10.25 1.47 13.00
N ALA B 117 11.10 1.05 13.95
CA ALA B 117 11.81 -0.23 13.84
C ALA B 117 10.79 -1.32 13.86
N PHE B 118 9.72 -1.14 14.62
CA PHE B 118 8.67 -2.14 14.67
C PHE B 118 7.87 -2.28 13.36
N THR B 119 7.61 -1.18 12.64
CA THR B 119 6.86 -1.23 11.37
C THR B 119 7.62 -1.98 10.30
N HIS B 120 8.93 -2.12 10.43
CA HIS B 120 9.67 -2.87 9.43
C HIS B 120 9.81 -4.31 9.80
N SER B 121 9.79 -4.63 11.09
CA SER B 121 9.97 -6.01 11.50
C SER B 121 8.72 -6.79 11.84
N GLN B 122 7.71 -6.11 12.39
CA GLN B 122 6.48 -6.77 12.82
C GLN B 122 5.13 -6.35 12.31
N ASN B 123 4.80 -5.07 12.48
CA ASN B 123 3.50 -4.58 12.09
C ASN B 123 3.58 -3.23 11.38
N ARG B 124 3.53 -3.30 10.06
CA ARG B 124 3.60 -2.11 9.22
C ARG B 124 2.68 -0.99 9.65
N LEU B 125 1.51 -1.30 10.17
CA LEU B 125 0.59 -0.25 10.56
C LEU B 125 0.68 0.18 12.04
N TRP B 126 1.80 -0.17 12.68
CA TRP B 126 1.98 0.19 14.07
C TRP B 126 2.14 1.72 14.10
N ARG B 127 1.54 2.41 15.07
CA ARG B 127 1.69 3.84 15.13
C ARG B 127 2.17 4.37 16.49
N LYS B 128 2.08 3.58 17.55
CA LYS B 128 2.48 4.11 18.86
C LYS B 128 3.97 3.90 19.19
N THR B 129 4.35 4.28 20.41
CA THR B 129 5.72 4.08 20.87
C THR B 129 5.80 2.62 21.29
N ARG B 130 6.80 2.25 22.08
CA ARG B 130 6.93 0.84 22.47
C ARG B 130 7.13 0.57 23.94
N SER B 131 6.72 1.50 24.80
CA SER B 131 6.86 1.32 26.24
C SER B 131 5.93 0.25 26.78
N VAL B 132 6.26 -0.25 27.97
CA VAL B 132 5.47 -1.28 28.62
C VAL B 132 4.91 -0.66 29.88
N THR B 133 3.72 -1.08 30.33
CA THR B 133 3.14 -0.56 31.57
C THR B 133 3.05 -1.74 32.51
N SER B 134 2.97 -1.43 33.80
CA SER B 134 2.87 -2.47 34.80
C SER B 134 1.44 -3.06 34.83
N SER B 135 0.44 -2.24 34.56
CA SER B 135 -0.96 -2.65 34.58
C SER B 135 -1.54 -3.13 33.28
N SER B 136 -0.72 -3.48 32.29
CA SER B 136 -1.25 -3.93 31.01
C SER B 136 -0.23 -4.68 30.22
N LEU B 137 -0.72 -5.52 29.31
CA LEU B 137 0.11 -6.31 28.41
C LEU B 137 0.19 -5.65 27.03
N CYS B 138 -0.65 -4.66 26.78
CA CYS B 138 -0.62 -3.98 25.50
C CYS B 138 0.56 -3.00 25.54
N VAL B 139 1.30 -2.92 24.44
CA VAL B 139 2.46 -2.04 24.35
C VAL B 139 2.25 -0.71 23.64
N GLY B 140 2.76 0.37 24.22
CA GLY B 140 2.71 1.66 23.57
C GLY B 140 1.74 2.74 23.94
N VAL B 141 2.10 3.97 23.61
CA VAL B 141 1.25 5.13 23.82
C VAL B 141 1.33 6.00 22.56
N ASP B 142 0.23 6.71 22.29
CA ASP B 142 0.18 7.61 21.17
C ASP B 142 1.06 8.79 21.59
N ALA B 143 2.31 8.81 21.12
CA ALA B 143 3.24 9.88 21.47
C ALA B 143 2.68 11.29 21.17
N ASN B 144 1.87 11.42 20.13
CA ASN B 144 1.32 12.74 19.85
C ASN B 144 0.09 13.09 20.65
N ARG B 145 -0.10 12.37 21.75
CA ARG B 145 -1.18 12.64 22.68
C ARG B 145 -0.53 12.73 24.04
N ASN B 146 0.78 12.48 24.09
CA ASN B 146 1.47 12.49 25.36
C ASN B 146 1.99 13.81 25.85
N TRP B 147 1.82 14.87 25.07
CA TRP B 147 2.36 16.16 25.47
C TRP B 147 1.53 16.80 26.58
N ASP B 148 2.15 17.75 27.27
CA ASP B 148 1.49 18.44 28.35
C ASP B 148 0.60 19.58 27.82
N ALA B 149 -0.43 19.25 27.03
CA ALA B 149 -1.32 20.28 26.48
C ALA B 149 -2.76 19.76 26.56
N GLY B 150 -3.48 20.19 27.59
CA GLY B 150 -4.83 19.72 27.79
C GLY B 150 -4.81 18.21 27.94
N PHE B 151 -3.68 17.70 28.43
CA PHE B 151 -3.43 16.28 28.62
C PHE B 151 -4.43 15.57 29.50
N GLY B 152 -4.73 14.33 29.12
CA GLY B 152 -5.66 13.54 29.88
C GLY B 152 -7.11 13.84 29.56
N LYS B 153 -7.39 15.08 29.19
CA LYS B 153 -8.74 15.52 28.85
C LYS B 153 -9.25 14.86 27.58
N ALA B 154 -10.50 15.11 27.24
CA ALA B 154 -11.13 14.49 26.07
C ALA B 154 -10.32 14.69 24.81
N GLY B 155 -10.31 13.65 23.98
CA GLY B 155 -9.57 13.70 22.74
C GLY B 155 -8.43 12.71 22.82
N ALA B 156 -8.50 11.86 23.83
CA ALA B 156 -7.49 10.84 24.07
C ALA B 156 -8.11 9.70 24.88
N SER B 157 -7.48 8.54 24.80
CA SER B 157 -7.95 7.37 25.52
C SER B 157 -7.07 7.06 26.75
N SER B 158 -7.66 6.46 27.77
CA SER B 158 -6.90 6.11 28.96
C SER B 158 -6.67 4.63 29.08
N SER B 159 -7.04 3.88 28.06
CA SER B 159 -6.87 2.46 28.08
C SER B 159 -5.60 2.14 27.33
N PRO B 160 -4.63 1.53 28.03
CA PRO B 160 -3.37 1.21 27.36
C PRO B 160 -3.48 0.44 26.07
N CYS B 161 -4.64 -0.16 25.83
CA CYS B 161 -4.79 -0.92 24.61
C CYS B 161 -5.33 -0.17 23.42
N SER B 162 -5.73 1.07 23.62
CA SER B 162 -6.22 1.84 22.48
C SER B 162 -5.10 2.52 21.74
N GLU B 163 -5.29 2.65 20.43
CA GLU B 163 -4.32 3.31 19.58
C GLU B 163 -4.19 4.81 19.86
N THR B 164 -5.07 5.34 20.70
CA THR B 164 -5.02 6.75 21.04
C THR B 164 -4.68 6.96 22.49
N TYR B 165 -4.06 5.93 23.08
CA TYR B 165 -3.68 5.92 24.49
C TYR B 165 -2.74 7.08 24.83
N HIS B 166 -3.20 7.95 25.73
CA HIS B 166 -2.41 9.12 26.13
C HIS B 166 -1.16 8.90 27.02
N GLY B 167 -0.95 7.68 27.51
CA GLY B 167 0.18 7.42 28.39
C GLY B 167 -0.15 7.78 29.84
N LYS B 168 0.68 7.33 30.77
CA LYS B 168 0.44 7.60 32.20
C LYS B 168 0.39 9.03 32.64
N TYR B 169 1.23 9.87 32.06
CA TYR B 169 1.23 11.29 32.41
C TYR B 169 1.95 12.12 31.35
N ALA B 170 1.70 13.43 31.34
CA ALA B 170 2.31 14.30 30.36
C ALA B 170 3.80 13.99 30.28
N ASN B 171 4.34 13.93 29.08
CA ASN B 171 5.76 13.65 28.85
C ASN B 171 6.27 12.37 29.45
N SER B 172 5.40 11.42 29.74
CA SER B 172 5.89 10.19 30.32
C SER B 172 6.78 9.43 29.34
N GLU B 173 6.62 9.65 28.04
CA GLU B 173 7.45 8.94 27.06
C GLU B 173 8.78 9.65 26.85
N VAL B 174 9.85 8.89 26.70
CA VAL B 174 11.13 9.54 26.54
C VAL B 174 11.33 10.24 25.22
N GLU B 175 10.61 9.78 24.19
CA GLU B 175 10.72 10.37 22.87
C GLU B 175 10.21 11.80 22.89
N VAL B 176 9.17 12.01 23.69
CA VAL B 176 8.52 13.30 23.86
C VAL B 176 9.31 14.15 24.86
N LYS B 177 9.61 13.56 26.01
CA LYS B 177 10.37 14.25 27.04
C LYS B 177 11.71 14.76 26.44
N SER B 178 12.38 13.97 25.62
CA SER B 178 13.64 14.40 25.02
C SER B 178 13.49 15.75 24.31
N ILE B 179 12.45 15.89 23.50
CA ILE B 179 12.22 17.12 22.74
C ILE B 179 11.81 18.24 23.69
N VAL B 180 10.94 17.92 24.65
CA VAL B 180 10.48 18.91 25.59
C VAL B 180 11.70 19.50 26.28
N ASP B 181 12.64 18.65 26.67
CA ASP B 181 13.86 19.08 27.34
C ASP B 181 14.68 19.95 26.39
N PHE B 182 15.01 19.44 25.22
CA PHE B 182 15.80 20.17 24.23
C PHE B 182 15.17 21.53 23.88
N VAL B 183 13.90 21.52 23.48
CA VAL B 183 13.24 22.75 23.12
C VAL B 183 13.23 23.74 24.29
N LYS B 184 12.80 23.30 25.47
CA LYS B 184 12.72 24.20 26.61
C LYS B 184 14.04 24.79 26.99
N ASP B 185 15.08 23.96 26.97
CA ASP B 185 16.43 24.39 27.32
C ASP B 185 16.95 25.41 26.30
N HIS B 186 16.85 25.10 25.00
CA HIS B 186 17.29 26.02 23.94
C HIS B 186 16.65 27.38 24.19
N GLY B 187 15.33 27.39 24.29
CA GLY B 187 14.61 28.62 24.55
C GLY B 187 14.44 29.62 23.43
N ASN B 188 15.33 29.60 22.45
CA ASN B 188 15.20 30.53 21.35
C ASN B 188 14.51 29.94 20.13
N PHE B 189 13.38 29.26 20.36
CA PHE B 189 12.59 28.63 19.26
C PHE B 189 11.41 29.50 18.89
N LYS B 190 11.31 29.82 17.59
CA LYS B 190 10.26 30.69 17.08
C LYS B 190 9.21 29.98 16.21
N ALA B 191 9.53 28.80 15.70
CA ALA B 191 8.59 28.04 14.90
C ALA B 191 8.71 26.59 15.31
N PHE B 192 7.61 25.84 15.21
CA PHE B 192 7.55 24.42 15.58
C PHE B 192 6.58 23.71 14.62
N LEU B 193 7.09 22.88 13.74
CA LEU B 193 6.29 22.18 12.75
C LEU B 193 6.42 20.68 12.97
N SER B 194 5.31 19.95 12.94
CA SER B 194 5.30 18.48 13.10
C SER B 194 4.66 17.90 11.87
N ILE B 195 5.37 17.04 11.15
CA ILE B 195 4.80 16.46 9.95
C ILE B 195 4.11 15.10 10.28
N HIS B 196 2.95 14.86 9.64
CA HIS B 196 2.16 13.64 9.81
C HIS B 196 1.66 13.19 8.46
N SER B 197 0.61 12.38 8.45
CA SER B 197 0.02 11.85 7.23
C SER B 197 -1.11 10.91 7.64
N TYR B 198 -2.32 11.02 7.07
CA TYR B 198 -2.59 11.67 5.78
C TYR B 198 -3.85 12.44 5.99
N SER B 199 -4.28 13.12 4.93
CA SER B 199 -5.50 13.95 4.92
C SER B 199 -5.26 15.20 4.10
N GLN B 200 -4.02 15.48 3.76
CA GLN B 200 -3.70 16.71 3.02
C GLN B 200 -4.32 17.90 3.79
N LEU B 201 -3.81 18.14 5.00
CA LEU B 201 -4.26 19.22 5.89
C LEU B 201 -3.11 20.04 6.49
N LEU B 202 -3.34 21.31 6.79
CA LEU B 202 -2.33 22.18 7.41
C LEU B 202 -3.11 22.81 8.58
N LEU B 203 -2.76 22.44 9.80
CA LEU B 203 -3.50 22.91 10.94
C LEU B 203 -2.67 23.75 11.87
N TYR B 204 -3.34 24.55 12.69
CA TYR B 204 -2.68 25.38 13.69
C TYR B 204 -3.53 25.20 14.96
N PRO B 205 -2.99 25.49 16.14
CA PRO B 205 -3.72 25.32 17.41
C PRO B 205 -5.15 25.79 17.31
N TYR B 206 -6.02 25.44 18.25
CA TYR B 206 -5.83 24.34 19.19
C TYR B 206 -6.57 23.08 18.77
N GLY B 207 -6.20 21.98 19.42
CA GLY B 207 -6.81 20.69 19.15
C GLY B 207 -7.66 20.27 20.33
N TYR B 208 -7.34 20.74 21.53
CA TYR B 208 -8.14 20.34 22.68
C TYR B 208 -9.26 21.26 22.98
N THR B 209 -8.92 22.50 23.28
CA THR B 209 -9.91 23.47 23.64
C THR B 209 -10.65 24.07 22.44
N THR B 210 -11.83 24.61 22.70
CA THR B 210 -12.62 25.29 21.69
C THR B 210 -12.15 26.75 21.71
N GLN B 211 -11.41 27.09 22.76
CA GLN B 211 -10.83 28.41 22.99
C GLN B 211 -9.92 28.83 21.82
N SER B 212 -10.12 30.05 21.31
CA SER B 212 -9.30 30.53 20.19
C SER B 212 -7.93 31.01 20.64
N ILE B 213 -6.93 30.85 19.77
CA ILE B 213 -5.58 31.30 20.09
C ILE B 213 -5.49 32.81 19.87
N PRO B 214 -4.75 33.53 20.74
CA PRO B 214 -4.58 34.98 20.65
C PRO B 214 -4.31 35.52 19.22
N ASP B 215 -3.71 34.70 18.36
CA ASP B 215 -3.42 35.15 17.00
C ASP B 215 -3.83 34.20 15.85
N LYS B 216 -5.10 33.79 15.88
CA LYS B 216 -5.64 32.92 14.84
C LYS B 216 -5.53 33.58 13.47
N THR B 217 -5.81 34.88 13.45
CA THR B 217 -5.78 35.69 12.22
C THR B 217 -4.51 35.53 11.42
N GLU B 218 -3.38 35.87 12.05
CA GLU B 218 -2.11 35.77 11.41
C GLU B 218 -1.79 34.34 10.97
N LEU B 219 -1.75 33.41 11.93
CA LEU B 219 -1.42 32.04 11.58
C LEU B 219 -2.27 31.58 10.42
N ASN B 220 -3.57 31.85 10.49
CA ASN B 220 -4.50 31.44 9.43
C ASN B 220 -4.08 31.99 8.09
N GLN B 221 -3.66 33.25 8.06
CA GLN B 221 -3.26 33.84 6.81
C GLN B 221 -2.01 33.15 6.26
N VAL B 222 -1.10 32.81 7.18
CA VAL B 222 0.14 32.12 6.82
C VAL B 222 -0.23 30.80 6.15
N ALA B 223 -1.27 30.16 6.68
CA ALA B 223 -1.77 28.90 6.17
C ALA B 223 -2.24 28.99 4.70
N LYS B 224 -3.04 30.00 4.38
CA LYS B 224 -3.51 30.10 3.00
C LYS B 224 -2.36 30.30 1.99
N SER B 225 -1.33 31.06 2.39
CA SER B 225 -0.16 31.33 1.53
C SER B 225 0.61 30.05 1.27
N ALA B 226 0.84 29.30 2.36
CA ALA B 226 1.55 28.02 2.31
C ALA B 226 0.72 26.94 1.58
N VAL B 227 -0.58 26.91 1.83
CA VAL B 227 -1.44 25.95 1.15
C VAL B 227 -1.37 26.29 -0.36
N GLU B 228 -1.47 27.59 -0.63
CA GLU B 228 -1.40 28.20 -1.97
C GLU B 228 -0.12 27.75 -2.67
N ALA B 229 1.01 28.14 -2.08
CA ALA B 229 2.35 27.81 -2.60
C ALA B 229 2.56 26.30 -2.78
N LEU B 230 2.00 25.50 -1.89
CA LEU B 230 2.12 24.08 -2.02
C LEU B 230 1.35 23.62 -3.25
N LYS B 231 0.24 24.31 -3.56
CA LYS B 231 -0.56 23.92 -4.73
C LYS B 231 0.13 24.19 -6.07
N SER B 232 0.99 25.22 -6.11
CA SER B 232 1.69 25.56 -7.33
C SER B 232 2.28 24.37 -8.05
N LEU B 233 3.21 23.69 -7.40
CA LEU B 233 3.88 22.56 -8.02
C LEU B 233 3.02 21.56 -8.82
N TYR B 234 1.90 21.08 -8.26
CA TYR B 234 1.07 20.11 -8.98
C TYR B 234 -0.45 20.21 -8.75
N GLY B 235 -0.89 21.21 -8.02
CA GLY B 235 -2.31 21.32 -7.80
C GLY B 235 -2.91 20.54 -6.64
N THR B 236 -2.13 19.70 -5.97
CA THR B 236 -2.68 18.93 -4.85
C THR B 236 -3.30 19.92 -3.86
N SER B 237 -4.46 19.57 -3.33
CA SER B 237 -5.16 20.46 -2.43
C SER B 237 -5.19 20.11 -0.96
N TYR B 238 -4.94 21.12 -0.15
CA TYR B 238 -4.90 20.99 1.27
C TYR B 238 -6.06 21.84 1.71
N LYS B 239 -6.54 21.57 2.89
CA LYS B 239 -7.60 22.39 3.46
C LYS B 239 -6.82 22.86 4.68
N TYR B 240 -7.33 23.79 5.45
CA TYR B 240 -6.54 24.22 6.57
C TYR B 240 -7.39 24.89 7.58
N GLY B 241 -6.82 25.17 8.73
CA GLY B 241 -7.57 25.81 9.79
C GLY B 241 -7.06 25.20 11.06
N SER B 242 -7.69 25.48 12.21
CA SER B 242 -7.23 24.90 13.46
C SER B 242 -7.64 23.44 13.59
N ILE B 243 -6.87 22.72 14.40
CA ILE B 243 -7.08 21.30 14.64
C ILE B 243 -8.50 20.89 14.96
N ILE B 244 -8.98 21.32 16.13
CA ILE B 244 -10.32 20.96 16.60
C ILE B 244 -11.49 21.18 15.64
N THR B 245 -11.50 22.31 14.95
CA THR B 245 -12.57 22.59 14.03
C THR B 245 -12.35 21.88 12.71
N THR B 246 -11.10 21.63 12.35
CA THR B 246 -10.82 20.97 11.08
C THR B 246 -10.84 19.42 11.13
N ILE B 247 -10.70 18.85 12.33
CA ILE B 247 -10.71 17.38 12.50
C ILE B 247 -11.64 16.92 13.64
N TYR B 248 -11.13 17.04 14.86
CA TYR B 248 -11.85 16.66 16.05
C TYR B 248 -11.04 17.15 17.24
N GLN B 249 -11.64 17.09 18.43
CA GLN B 249 -10.94 17.49 19.64
C GLN B 249 -9.96 16.36 19.94
N ALA B 250 -8.71 16.73 20.12
CA ALA B 250 -7.66 15.78 20.40
C ALA B 250 -6.90 16.40 21.55
N SER B 251 -6.57 15.58 22.53
CA SER B 251 -5.87 16.02 23.72
C SER B 251 -4.37 15.76 23.69
N GLY B 252 -3.59 16.63 24.35
CA GLY B 252 -2.14 16.45 24.43
C GLY B 252 -1.27 16.37 23.18
N GLY B 253 -1.45 17.32 22.26
CA GLY B 253 -0.67 17.33 21.02
C GLY B 253 0.51 18.26 21.10
N SER B 254 1.53 18.02 20.29
CA SER B 254 2.75 18.85 20.26
C SER B 254 2.58 20.34 20.03
N ILE B 255 1.94 20.73 18.93
CA ILE B 255 1.76 22.16 18.58
C ILE B 255 0.94 22.98 19.55
N ASP B 256 0.12 22.32 20.36
CA ASP B 256 -0.66 23.02 21.37
C ASP B 256 0.35 23.25 22.50
N TRP B 257 1.26 22.29 22.67
CA TRP B 257 2.28 22.42 23.68
C TRP B 257 3.23 23.52 23.26
N SER B 258 3.77 23.44 22.05
CA SER B 258 4.70 24.44 21.53
C SER B 258 4.12 25.82 21.74
N TYR B 259 2.94 26.02 21.14
CA TYR B 259 2.23 27.30 21.18
C TYR B 259 2.14 27.89 22.58
N ASN B 260 1.69 27.08 23.54
CA ASN B 260 1.59 27.53 24.92
C ASN B 260 2.98 27.85 25.44
N GLN B 261 4.00 27.30 24.79
CA GLN B 261 5.38 27.54 25.20
C GLN B 261 5.85 28.87 24.63
N GLY B 262 5.00 29.47 23.82
CA GLY B 262 5.37 30.75 23.23
C GLY B 262 5.97 30.65 21.85
N ILE B 263 6.02 29.46 21.27
CA ILE B 263 6.56 29.31 19.93
C ILE B 263 5.33 29.57 19.08
N LYS B 264 5.10 30.86 18.85
CA LYS B 264 3.97 31.34 18.09
C LYS B 264 3.69 30.63 16.75
N TYR B 265 4.71 30.34 15.97
CA TYR B 265 4.45 29.70 14.68
C TYR B 265 4.38 28.19 14.72
N SER B 266 3.29 27.66 15.24
CA SER B 266 3.14 26.21 15.37
C SER B 266 2.12 25.58 14.45
N PHE B 267 2.58 24.70 13.58
CA PHE B 267 1.73 24.05 12.58
C PHE B 267 2.02 22.58 12.39
N THR B 268 1.01 21.86 11.94
CA THR B 268 1.11 20.43 11.66
C THR B 268 0.61 20.25 10.25
N PHE B 269 1.35 19.48 9.47
CA PHE B 269 1.03 19.19 8.10
C PHE B 269 0.51 17.79 8.10
N GLU B 270 -0.45 17.46 7.25
CA GLU B 270 -0.92 16.10 7.16
C GLU B 270 -0.69 15.75 5.71
N LEU B 271 0.48 15.22 5.41
CA LEU B 271 0.81 14.92 4.03
C LEU B 271 -0.16 14.07 3.19
N ARG B 272 0.30 13.83 1.97
CA ARG B 272 -0.42 13.07 0.98
C ARG B 272 -0.83 11.77 1.64
N ASP B 273 -2.14 11.58 1.71
CA ASP B 273 -2.93 11.16 0.56
C ASP B 273 -4.34 11.52 0.99
N THR B 274 -5.38 11.10 0.27
CA THR B 274 -6.74 11.42 0.76
C THR B 274 -7.49 10.22 1.30
N GLY B 275 -6.99 9.04 0.98
CA GLY B 275 -7.59 7.83 1.48
C GLY B 275 -7.42 6.72 0.48
N ARG B 276 -7.07 7.08 -0.76
CA ARG B 276 -6.90 6.10 -1.80
C ARG B 276 -5.85 5.06 -1.41
N TYR B 277 -4.82 5.54 -0.72
CA TYR B 277 -3.69 4.74 -0.25
C TYR B 277 -3.42 4.92 1.22
N GLY B 278 -3.74 6.09 1.73
CA GLY B 278 -3.54 6.36 3.14
C GLY B 278 -2.10 6.24 3.53
N PHE B 279 -1.78 5.37 4.48
CA PHE B 279 -0.41 5.19 4.95
C PHE B 279 0.47 4.45 3.96
N LEU B 280 -0.15 3.74 3.03
CA LEU B 280 0.61 2.96 2.08
C LEU B 280 0.87 3.70 0.79
N LEU B 281 1.16 4.99 0.91
CA LEU B 281 1.43 5.83 -0.24
C LEU B 281 2.55 5.24 -1.12
N PRO B 282 2.27 5.00 -2.41
CA PRO B 282 3.29 4.44 -3.31
C PRO B 282 4.52 5.30 -3.34
N ALA B 283 5.67 4.66 -3.50
CA ALA B 283 6.96 5.35 -3.50
C ALA B 283 7.14 6.43 -4.57
N SER B 284 6.47 6.27 -5.71
CA SER B 284 6.54 7.26 -6.78
C SER B 284 6.09 8.62 -6.31
N GLN B 285 5.42 8.66 -5.18
CA GLN B 285 4.96 9.92 -4.65
C GLN B 285 5.82 10.50 -3.56
N ILE B 286 7.00 9.94 -3.32
CA ILE B 286 7.86 10.46 -2.26
C ILE B 286 8.45 11.80 -2.67
N ILE B 287 9.12 11.84 -3.81
CA ILE B 287 9.74 13.08 -4.23
C ILE B 287 8.70 14.17 -4.41
N PRO B 288 7.65 13.94 -5.24
CA PRO B 288 6.59 14.92 -5.47
C PRO B 288 6.02 15.50 -4.19
N THR B 289 5.67 14.63 -3.24
CA THR B 289 5.12 15.09 -1.97
C THR B 289 6.20 15.95 -1.32
N ALA B 290 7.43 15.47 -1.40
CA ALA B 290 8.55 16.14 -0.76
C ALA B 290 8.66 17.54 -1.28
N GLN B 291 8.64 17.66 -2.61
CA GLN B 291 8.75 18.97 -3.30
C GLN B 291 7.65 19.97 -2.95
N GLU B 292 6.39 19.61 -3.19
CA GLU B 292 5.28 20.49 -2.89
C GLU B 292 5.24 20.85 -1.42
N THR B 293 5.49 19.89 -0.54
CA THR B 293 5.45 20.16 0.89
C THR B 293 6.55 21.16 1.27
N TRP B 294 7.66 21.07 0.55
CA TRP B 294 8.80 21.94 0.75
C TRP B 294 8.42 23.40 0.56
N LEU B 295 7.72 23.68 -0.55
CA LEU B 295 7.25 25.03 -0.91
C LEU B 295 6.37 25.63 0.17
N GLY B 296 5.41 24.87 0.66
CA GLY B 296 4.58 25.39 1.72
C GLY B 296 5.37 25.56 3.02
N VAL B 297 6.38 24.73 3.22
CA VAL B 297 7.19 24.84 4.44
C VAL B 297 8.05 26.10 4.32
N LEU B 298 8.70 26.30 3.17
CA LEU B 298 9.54 27.50 2.98
C LEU B 298 8.77 28.76 3.34
N THR B 299 7.52 28.82 2.90
CA THR B 299 6.68 29.96 3.17
C THR B 299 6.64 30.21 4.67
N ILE B 300 6.36 29.19 5.47
CA ILE B 300 6.27 29.42 6.93
C ILE B 300 7.59 29.90 7.50
N MET B 301 8.69 29.26 7.10
CA MET B 301 10.02 29.64 7.59
C MET B 301 10.27 31.10 7.24
N GLU B 302 10.01 31.43 5.99
CA GLU B 302 10.16 32.78 5.46
C GLU B 302 9.29 33.79 6.23
N HIS B 303 8.09 33.37 6.66
CA HIS B 303 7.24 34.28 7.42
C HIS B 303 7.86 34.50 8.77
N THR B 304 8.30 33.41 9.37
CA THR B 304 8.96 33.41 10.66
C THR B 304 10.11 34.41 10.62
N LEU B 305 10.96 34.19 9.64
CA LEU B 305 12.13 35.02 9.40
C LEU B 305 11.84 36.52 9.37
N ASN B 306 10.78 36.89 8.65
CA ASN B 306 10.38 38.28 8.52
C ASN B 306 9.71 38.79 9.76
N ASN B 307 9.11 37.88 10.54
CA ASN B 307 8.42 38.28 11.75
C ASN B 307 9.06 37.85 13.06
N LEU B 308 10.38 37.76 13.08
CA LEU B 308 11.14 37.36 14.28
C LEU B 308 10.65 38.16 15.50
N TYR B 309 10.52 37.49 16.64
CA TYR B 309 10.04 38.13 17.86
C TYR B 309 10.78 37.47 19.02
N SER C 6 4.72 -34.33 22.32
CA SER C 6 5.07 -35.69 22.84
C SER C 6 5.18 -36.66 21.67
N ARG C 7 5.28 -36.12 20.46
CA ARG C 7 5.31 -36.91 19.23
C ARG C 7 3.82 -37.14 18.97
N PRO C 8 3.43 -38.20 18.22
CA PRO C 8 1.97 -38.30 18.04
C PRO C 8 1.14 -38.71 19.28
N SER C 9 0.47 -37.72 19.87
CA SER C 9 -0.42 -37.92 21.02
C SER C 9 -1.58 -38.70 20.45
N SER C 10 -2.17 -39.58 21.26
CA SER C 10 -3.29 -40.41 20.82
C SER C 10 -4.51 -39.54 20.52
N ARG C 11 -5.22 -39.83 19.42
CA ARG C 11 -6.39 -39.01 19.05
C ARG C 11 -7.55 -39.07 20.01
N VAL C 12 -7.92 -37.93 20.54
CA VAL C 12 -9.00 -37.86 21.50
C VAL C 12 -10.13 -37.04 20.94
N VAL C 13 -11.22 -37.70 20.59
CA VAL C 13 -12.38 -36.99 20.11
C VAL C 13 -13.10 -36.75 21.43
N ASN C 14 -13.39 -35.50 21.75
CA ASN C 14 -14.08 -35.22 22.99
C ASN C 14 -14.64 -33.84 22.84
N GLY C 15 -15.49 -33.40 23.77
CA GLY C 15 -16.06 -32.07 23.65
C GLY C 15 -16.91 -31.95 22.39
N GLU C 16 -16.87 -30.79 21.73
CA GLU C 16 -17.63 -30.55 20.50
C GLU C 16 -16.93 -30.99 19.22
N ASP C 17 -15.97 -31.90 19.29
CA ASP C 17 -15.28 -32.38 18.09
C ASP C 17 -16.23 -33.22 17.28
N ALA C 18 -16.18 -33.05 15.97
CA ALA C 18 -17.02 -33.84 15.12
C ALA C 18 -16.40 -35.24 15.12
N VAL C 19 -17.22 -36.25 14.81
CA VAL C 19 -16.74 -37.62 14.73
C VAL C 19 -15.80 -37.55 13.55
N PRO C 20 -14.59 -38.09 13.67
CA PRO C 20 -13.68 -38.04 12.54
C PRO C 20 -14.24 -38.49 11.19
N TYR C 21 -14.18 -37.57 10.23
CA TYR C 21 -14.61 -37.80 8.86
C TYR C 21 -16.12 -37.93 8.59
N SER C 22 -16.94 -37.89 9.64
CA SER C 22 -18.39 -37.97 9.50
C SER C 22 -18.91 -36.92 8.50
N TRP C 23 -18.53 -35.67 8.71
CA TRP C 23 -18.91 -34.61 7.78
C TRP C 23 -17.84 -34.73 6.69
N SER C 24 -17.99 -35.75 5.86
CA SER C 24 -17.06 -36.09 4.79
C SER C 24 -16.98 -35.19 3.55
N TRP C 25 -17.82 -34.16 3.49
CA TRP C 25 -17.75 -33.24 2.34
C TRP C 25 -17.17 -31.90 2.74
N GLN C 26 -16.77 -31.77 4.00
CA GLN C 26 -16.13 -30.55 4.50
C GLN C 26 -14.82 -30.38 3.70
N VAL C 27 -14.41 -29.14 3.49
CA VAL C 27 -13.22 -28.78 2.71
C VAL C 27 -12.59 -27.57 3.42
N SER C 28 -11.31 -27.28 3.20
CA SER C 28 -10.71 -26.10 3.82
C SER C 28 -10.11 -25.22 2.73
N LEU C 29 -10.57 -23.99 2.61
CA LEU C 29 -10.01 -23.10 1.60
C LEU C 29 -8.92 -22.30 2.29
N GLN C 30 -7.71 -22.38 1.73
CA GLN C 30 -6.51 -21.73 2.26
C GLN C 30 -5.78 -20.83 1.28
N TYR C 31 -5.28 -19.70 1.77
CA TYR C 31 -4.51 -18.79 0.95
C TYR C 31 -3.00 -18.96 1.18
N GLU C 32 -2.18 -18.64 0.18
CA GLU C 32 -0.73 -18.75 0.27
C GLU C 32 -0.18 -17.52 0.99
N LYS C 33 0.87 -17.66 1.78
CA LYS C 33 1.48 -16.51 2.44
C LYS C 33 2.86 -16.83 2.98
N ASP C 34 3.84 -16.06 2.51
CA ASP C 34 5.23 -16.26 2.93
C ASP C 34 5.58 -17.72 2.86
N GLY C 35 5.13 -18.37 1.78
CA GLY C 35 5.42 -19.77 1.53
C GLY C 35 4.45 -20.80 2.08
N ALA C 36 3.59 -20.37 3.00
CA ALA C 36 2.65 -21.29 3.65
C ALA C 36 1.20 -20.94 3.47
N PHE C 37 0.34 -21.94 3.38
CA PHE C 37 -1.11 -21.71 3.23
C PHE C 37 -1.79 -21.60 4.61
N HIS C 38 -2.91 -20.89 4.69
CA HIS C 38 -3.59 -20.69 5.95
C HIS C 38 -5.08 -20.85 5.80
N HIS C 39 -5.69 -21.63 6.68
CA HIS C 39 -7.13 -21.85 6.59
C HIS C 39 -7.85 -20.54 6.72
N THR C 40 -8.82 -20.30 5.83
CA THR C 40 -9.57 -19.07 5.84
C THR C 40 -11.11 -19.21 5.78
N CYS C 41 -11.60 -20.31 5.20
CA CYS C 41 -13.03 -20.53 5.07
C CYS C 41 -13.41 -21.99 5.00
N GLY C 42 -14.70 -22.26 5.19
CA GLY C 42 -15.18 -23.62 5.10
C GLY C 42 -15.69 -23.81 3.69
N GLY C 43 -16.14 -25.01 3.34
CA GLY C 43 -16.67 -25.24 2.02
C GLY C 43 -17.17 -26.65 1.90
N SER C 44 -17.92 -26.96 0.86
CA SER C 44 -18.45 -28.32 0.69
C SER C 44 -18.15 -28.86 -0.71
N LEU C 45 -17.55 -30.05 -0.75
CA LEU C 45 -17.22 -30.72 -1.99
C LEU C 45 -18.53 -31.19 -2.61
N ILE C 46 -19.02 -30.45 -3.61
CA ILE C 46 -20.26 -30.82 -4.29
C ILE C 46 -20.13 -31.62 -5.61
N ALA C 47 -18.91 -31.73 -6.16
CA ALA C 47 -18.65 -32.46 -7.41
C ALA C 47 -17.20 -32.95 -7.43
N PRO C 48 -16.93 -34.10 -8.07
CA PRO C 48 -15.57 -34.69 -8.15
C PRO C 48 -14.45 -33.66 -8.24
N ASP C 49 -14.65 -32.62 -9.03
CA ASP C 49 -13.67 -31.55 -9.20
C ASP C 49 -14.23 -30.13 -9.09
N TRP C 50 -15.15 -29.94 -8.12
CA TRP C 50 -15.83 -28.65 -7.84
C TRP C 50 -16.13 -28.49 -6.36
N VAL C 51 -16.03 -27.26 -5.86
CA VAL C 51 -16.30 -26.90 -4.46
C VAL C 51 -17.12 -25.61 -4.40
N VAL C 52 -18.07 -25.54 -3.46
CA VAL C 52 -18.95 -24.39 -3.24
C VAL C 52 -18.57 -23.79 -1.90
N THR C 53 -18.47 -22.47 -1.81
CA THR C 53 -18.03 -21.78 -0.60
C THR C 53 -18.64 -20.37 -0.67
N ALA C 54 -18.43 -19.51 0.32
CA ALA C 54 -19.01 -18.16 0.24
C ALA C 54 -18.27 -17.28 -0.78
N GLY C 55 -18.96 -16.30 -1.35
CA GLY C 55 -18.37 -15.44 -2.37
C GLY C 55 -17.34 -14.48 -1.83
N HIS C 56 -17.52 -14.09 -0.59
CA HIS C 56 -16.60 -13.17 0.03
C HIS C 56 -15.27 -13.81 0.45
N CYS C 57 -15.15 -15.13 0.35
CA CYS C 57 -13.92 -15.81 0.72
C CYS C 57 -12.89 -15.71 -0.38
N ILE C 58 -13.27 -15.12 -1.51
CA ILE C 58 -12.37 -15.01 -2.67
C ILE C 58 -11.72 -13.65 -2.77
N SER C 59 -10.40 -13.66 -2.93
CA SER C 59 -9.60 -12.45 -3.09
C SER C 59 -8.85 -12.84 -4.36
N THR C 60 -9.31 -12.31 -5.47
CA THR C 60 -8.75 -12.63 -6.78
C THR C 60 -7.24 -12.55 -6.91
N SER C 61 -6.62 -11.74 -6.05
CA SER C 61 -5.18 -11.56 -6.08
C SER C 61 -4.44 -12.58 -5.26
N ARG C 62 -5.05 -13.72 -4.97
CA ARG C 62 -4.34 -14.66 -4.13
C ARG C 62 -4.33 -16.08 -4.67
N THR C 63 -3.39 -16.85 -4.16
CA THR C 63 -3.22 -18.24 -4.53
C THR C 63 -3.99 -18.99 -3.46
N TYR C 64 -4.83 -19.91 -3.90
CA TYR C 64 -5.67 -20.71 -3.02
C TYR C 64 -5.41 -22.17 -3.23
N GLN C 65 -5.87 -22.96 -2.27
CA GLN C 65 -5.80 -24.40 -2.33
C GLN C 65 -6.90 -24.82 -1.39
N VAL C 66 -7.42 -26.02 -1.60
CA VAL C 66 -8.44 -26.53 -0.70
C VAL C 66 -7.90 -27.83 -0.12
N VAL C 67 -8.22 -28.10 1.13
CA VAL C 67 -7.78 -29.35 1.74
C VAL C 67 -8.97 -30.25 2.02
N LEU C 68 -8.86 -31.47 1.53
CA LEU C 68 -9.88 -32.50 1.66
C LEU C 68 -9.40 -33.65 2.58
N GLY C 69 -10.33 -34.26 3.31
CA GLY C 69 -9.96 -35.33 4.24
C GLY C 69 -9.16 -34.84 5.44
N GLU C 70 -9.52 -33.66 5.93
CA GLU C 70 -8.83 -33.04 7.06
C GLU C 70 -9.73 -33.08 8.28
N TYR C 71 -9.13 -33.19 9.47
CA TYR C 71 -9.86 -33.22 10.73
C TYR C 71 -9.04 -32.37 11.70
N ASP C 72 -7.82 -32.84 11.97
CA ASP C 72 -6.94 -32.13 12.87
C ASP C 72 -5.89 -31.37 12.03
N ARG C 73 -6.07 -30.06 11.92
CA ARG C 73 -5.18 -29.23 11.13
C ARG C 73 -3.74 -29.16 11.68
N SER C 74 -3.55 -29.67 12.88
CA SER C 74 -2.23 -29.67 13.47
C SER C 74 -1.58 -31.04 13.32
N VAL C 75 -2.24 -31.97 12.64
CA VAL C 75 -1.64 -33.28 12.51
C VAL C 75 -1.90 -33.98 11.18
N LEU C 76 -0.83 -34.30 10.45
CA LEU C 76 -0.96 -35.03 9.22
C LEU C 76 -1.56 -36.35 9.68
N GLN C 77 -2.55 -36.84 8.97
CA GLN C 77 -3.17 -38.10 9.36
C GLN C 77 -3.25 -39.08 8.20
N GLY C 78 -2.84 -38.63 7.01
CA GLY C 78 -2.85 -39.50 5.82
C GLY C 78 -4.08 -39.45 4.92
N SER C 79 -5.15 -38.86 5.43
CA SER C 79 -6.40 -38.74 4.69
C SER C 79 -6.48 -37.44 3.88
N GLU C 80 -5.71 -36.45 4.29
CA GLU C 80 -5.70 -35.17 3.63
C GLU C 80 -5.30 -35.24 2.18
N GLN C 81 -5.92 -34.40 1.38
CA GLN C 81 -5.65 -34.27 -0.04
C GLN C 81 -5.54 -32.77 -0.15
N VAL C 82 -4.49 -32.30 -0.82
CA VAL C 82 -4.25 -30.88 -1.02
C VAL C 82 -4.38 -30.60 -2.51
N ILE C 83 -5.24 -29.64 -2.84
CA ILE C 83 -5.48 -29.28 -4.22
C ILE C 83 -5.25 -27.78 -4.47
N PRO C 84 -4.20 -27.48 -5.24
CA PRO C 84 -3.85 -26.10 -5.58
C PRO C 84 -4.98 -25.59 -6.48
N ILE C 85 -5.44 -24.36 -6.30
CA ILE C 85 -6.52 -23.86 -7.16
C ILE C 85 -5.96 -22.91 -8.24
N ASN C 86 -5.85 -23.43 -9.46
CA ASN C 86 -5.35 -22.69 -10.64
C ASN C 86 -5.97 -21.29 -10.80
N ALA C 87 -5.10 -20.31 -11.06
CA ALA C 87 -5.48 -18.90 -11.21
C ALA C 87 -6.93 -18.55 -11.46
N GLY C 88 -7.44 -18.97 -12.61
CA GLY C 88 -8.82 -18.62 -12.95
C GLY C 88 -9.92 -19.64 -12.70
N ASP C 89 -9.68 -20.55 -11.78
CA ASP C 89 -10.66 -21.57 -11.48
C ASP C 89 -11.64 -21.19 -10.36
N LEU C 90 -11.53 -19.97 -9.84
CA LEU C 90 -12.45 -19.50 -8.83
C LEU C 90 -13.70 -19.16 -9.64
N PHE C 91 -14.85 -18.96 -9.02
CA PHE C 91 -16.07 -18.66 -9.78
C PHE C 91 -17.10 -17.93 -8.94
N VAL C 92 -16.88 -16.66 -8.61
CA VAL C 92 -17.86 -15.95 -7.81
C VAL C 92 -19.12 -15.66 -8.63
N HIS C 93 -20.27 -15.69 -7.96
CA HIS C 93 -21.56 -15.41 -8.60
C HIS C 93 -21.41 -14.01 -9.21
N PRO C 94 -22.08 -13.75 -10.36
CA PRO C 94 -21.99 -12.44 -11.01
C PRO C 94 -22.77 -11.36 -10.30
N LEU C 95 -23.69 -11.74 -9.42
CA LEU C 95 -24.52 -10.78 -8.70
C LEU C 95 -24.01 -10.47 -7.30
N TRP C 96 -22.94 -11.14 -6.87
CA TRP C 96 -22.37 -10.90 -5.54
C TRP C 96 -21.68 -9.56 -5.53
N ASN C 97 -22.12 -8.68 -4.66
CA ASN C 97 -21.56 -7.34 -4.56
C ASN C 97 -21.01 -7.01 -3.15
N SER C 98 -19.70 -7.05 -3.01
CA SER C 98 -19.01 -6.77 -1.75
C SER C 98 -19.44 -5.53 -1.05
N ASN C 99 -20.33 -4.74 -1.65
CA ASN C 99 -20.80 -3.49 -1.01
C ASN C 99 -22.25 -3.59 -0.52
N CYS C 100 -22.83 -4.77 -0.70
CA CYS C 100 -24.18 -5.02 -0.22
C CYS C 100 -24.11 -6.47 0.20
N VAL C 101 -23.81 -6.70 1.48
CA VAL C 101 -23.73 -8.08 1.96
C VAL C 101 -25.16 -8.58 2.13
N ALA C 102 -26.02 -7.68 2.60
CA ALA C 102 -27.42 -7.97 2.84
C ALA C 102 -28.20 -8.20 1.55
N CYS C 103 -27.57 -8.01 0.40
CA CYS C 103 -28.23 -8.22 -0.86
C CYS C 103 -28.22 -9.68 -1.22
N GLY C 104 -27.40 -10.47 -0.53
CA GLY C 104 -27.36 -11.90 -0.82
C GLY C 104 -26.50 -12.28 -2.01
N ASN C 105 -26.82 -13.38 -2.68
CA ASN C 105 -26.06 -13.82 -3.83
C ASN C 105 -24.59 -14.03 -3.45
N ASP C 106 -24.35 -14.21 -2.15
CA ASP C 106 -23.01 -14.45 -1.60
C ASP C 106 -22.63 -15.92 -1.69
N ILE C 107 -22.28 -16.37 -2.90
CA ILE C 107 -21.86 -17.75 -3.12
C ILE C 107 -20.75 -17.70 -4.17
N ALA C 108 -20.09 -18.83 -4.41
CA ALA C 108 -19.01 -18.89 -5.37
C ALA C 108 -18.62 -20.33 -5.42
N LEU C 109 -17.91 -20.71 -6.46
CA LEU C 109 -17.49 -22.08 -6.67
C LEU C 109 -16.02 -22.08 -7.06
N VAL C 110 -15.29 -23.13 -6.67
CA VAL C 110 -13.88 -23.23 -7.04
C VAL C 110 -13.67 -24.58 -7.70
N LYS C 111 -13.21 -24.57 -8.94
CA LYS C 111 -12.95 -25.81 -9.66
C LYS C 111 -11.60 -26.35 -9.26
N LEU C 112 -11.56 -27.60 -8.83
CA LEU C 112 -10.29 -28.16 -8.37
C LEU C 112 -9.38 -28.46 -9.56
N SER C 113 -8.07 -28.27 -9.39
CA SER C 113 -7.10 -28.50 -10.47
C SER C 113 -6.98 -29.96 -10.91
N ARG C 114 -7.15 -30.85 -9.94
CA ARG C 114 -7.09 -32.29 -10.13
C ARG C 114 -8.26 -32.79 -9.28
N SER C 115 -9.00 -33.77 -9.79
CA SER C 115 -10.19 -34.25 -9.09
C SER C 115 -10.00 -34.99 -7.75
N ALA C 116 -11.00 -34.85 -6.91
CA ALA C 116 -11.01 -35.47 -5.59
C ALA C 116 -10.97 -36.96 -5.70
N GLN C 117 -10.29 -37.60 -4.76
CA GLN C 117 -10.28 -39.06 -4.74
C GLN C 117 -11.44 -39.28 -3.78
N LEU C 118 -12.58 -39.69 -4.31
CA LEU C 118 -13.76 -39.96 -3.49
C LEU C 118 -13.61 -41.33 -2.86
N GLY C 119 -13.99 -41.44 -1.60
CA GLY C 119 -13.87 -42.72 -0.91
C GLY C 119 -14.74 -42.78 0.32
N ASP C 120 -14.33 -43.61 1.27
CA ASP C 120 -15.11 -43.75 2.50
C ASP C 120 -14.90 -42.53 3.37
N LYS C 121 -13.68 -41.96 3.29
CA LYS C 121 -13.34 -40.81 4.10
C LYS C 121 -13.64 -39.44 3.51
N VAL C 122 -13.79 -39.36 2.18
CA VAL C 122 -14.08 -38.08 1.49
C VAL C 122 -15.32 -38.36 0.64
N GLN C 123 -16.31 -37.48 0.67
CA GLN C 123 -17.52 -37.72 -0.11
C GLN C 123 -18.27 -36.46 -0.57
N LEU C 124 -19.03 -36.60 -1.65
CA LEU C 124 -19.81 -35.52 -2.25
C LEU C 124 -21.02 -35.15 -1.42
N ALA C 125 -21.26 -33.85 -1.29
CA ALA C 125 -22.40 -33.39 -0.52
C ALA C 125 -23.67 -33.67 -1.31
N ASN C 126 -24.82 -33.43 -0.66
CA ASN C 126 -26.13 -33.63 -1.27
C ASN C 126 -26.84 -32.30 -1.29
N LEU C 127 -27.06 -31.74 -2.46
CA LEU C 127 -27.70 -30.43 -2.59
C LEU C 127 -29.21 -30.57 -2.57
N PRO C 128 -29.93 -29.61 -1.99
CA PRO C 128 -31.38 -29.65 -1.94
C PRO C 128 -31.92 -29.51 -3.35
N PRO C 129 -33.24 -29.74 -3.52
CA PRO C 129 -33.81 -29.59 -4.85
C PRO C 129 -34.08 -28.08 -4.99
N ALA C 130 -34.04 -27.56 -6.21
CA ALA C 130 -34.25 -26.11 -6.41
C ALA C 130 -35.42 -25.53 -5.60
N GLY C 131 -35.28 -24.30 -5.12
CA GLY C 131 -36.34 -23.69 -4.36
C GLY C 131 -36.81 -24.39 -3.08
N ASP C 132 -36.24 -25.57 -2.80
CA ASP C 132 -36.56 -26.32 -1.59
C ASP C 132 -36.44 -25.43 -0.33
N ILE C 133 -37.35 -25.60 0.62
CA ILE C 133 -37.31 -24.78 1.83
C ILE C 133 -37.54 -25.56 3.14
N LEU C 134 -36.74 -25.24 4.14
CA LEU C 134 -36.79 -25.90 5.46
C LEU C 134 -37.83 -25.31 6.42
N PRO C 135 -38.33 -26.15 7.33
CA PRO C 135 -39.32 -25.67 8.30
C PRO C 135 -38.64 -25.01 9.50
N ASN C 136 -39.36 -24.13 10.17
CA ASN C 136 -38.84 -23.47 11.35
C ASN C 136 -38.36 -24.57 12.27
N GLU C 137 -37.39 -24.29 13.13
CA GLU C 137 -36.89 -25.31 14.04
C GLU C 137 -36.34 -26.59 13.43
N ALA C 138 -35.98 -26.53 12.14
CA ALA C 138 -35.37 -27.69 11.48
C ALA C 138 -34.01 -27.94 12.17
N PRO C 139 -33.76 -29.19 12.58
CA PRO C 139 -32.53 -29.60 13.27
C PRO C 139 -31.27 -29.80 12.40
N CYS C 140 -30.60 -28.69 12.05
CA CYS C 140 -29.39 -28.75 11.22
C CYS C 140 -28.08 -28.63 12.06
N TYR C 141 -26.98 -29.11 11.48
CA TYR C 141 -25.66 -29.09 12.11
C TYR C 141 -24.57 -28.30 11.37
N ILE C 142 -24.01 -27.29 12.01
CA ILE C 142 -22.94 -26.58 11.36
C ILE C 142 -21.69 -27.37 11.64
N SER C 143 -20.66 -27.17 10.83
CA SER C 143 -19.39 -27.82 11.01
C SER C 143 -18.36 -26.81 10.53
N GLY C 144 -17.18 -26.81 11.18
CA GLY C 144 -16.11 -25.90 10.82
C GLY C 144 -14.98 -25.90 11.83
N TRP C 145 -13.99 -25.03 11.62
CA TRP C 145 -12.86 -24.91 12.54
C TRP C 145 -12.93 -23.60 13.35
N GLY C 146 -14.13 -23.08 13.52
CA GLY C 146 -14.36 -21.89 14.31
C GLY C 146 -13.82 -20.52 13.95
N ARG C 147 -13.55 -20.24 12.70
CA ARG C 147 -13.01 -18.93 12.37
C ARG C 147 -14.01 -17.79 12.50
N LEU C 148 -15.28 -18.14 12.63
CA LEU C 148 -16.33 -17.12 12.77
C LEU C 148 -16.22 -16.37 14.08
N TYR C 149 -15.43 -16.95 14.98
CA TYR C 149 -15.19 -16.47 16.35
C TYR C 149 -13.89 -15.69 16.44
N THR C 150 -13.99 -14.48 16.93
CA THR C 150 -12.81 -13.67 17.01
C THR C 150 -12.09 -13.66 18.39
N GLY C 151 -12.82 -13.50 19.48
CA GLY C 151 -12.21 -13.43 20.81
C GLY C 151 -11.61 -14.66 21.50
N GLY C 152 -10.71 -15.38 20.85
CA GLY C 152 -10.10 -16.54 21.48
C GLY C 152 -9.32 -17.39 20.48
N PRO C 153 -8.63 -18.47 20.92
CA PRO C 153 -7.86 -19.36 20.02
C PRO C 153 -8.71 -20.43 19.28
N LEU C 154 -8.35 -20.68 18.03
CA LEU C 154 -9.06 -21.61 17.17
C LEU C 154 -8.85 -23.11 17.39
N PRO C 155 -9.88 -23.91 17.09
CA PRO C 155 -9.83 -25.36 17.23
C PRO C 155 -8.83 -25.95 16.25
N ASP C 156 -8.27 -27.13 16.55
CA ASP C 156 -7.35 -27.78 15.61
C ASP C 156 -8.23 -28.81 14.92
N LYS C 157 -9.14 -29.36 15.70
CA LYS C 157 -10.05 -30.38 15.21
C LYS C 157 -11.39 -29.80 14.72
N LEU C 158 -11.96 -30.48 13.72
CA LEU C 158 -13.24 -30.12 13.14
C LEU C 158 -14.30 -30.16 14.26
N GLN C 159 -15.06 -29.08 14.43
CA GLN C 159 -16.10 -28.97 15.45
C GLN C 159 -17.52 -29.07 14.86
N GLU C 160 -18.55 -29.05 15.70
CA GLU C 160 -19.94 -29.08 15.22
C GLU C 160 -20.93 -28.55 16.25
N ALA C 161 -22.10 -28.14 15.78
CA ALA C 161 -23.10 -27.58 16.66
C ALA C 161 -24.50 -27.73 16.10
N LEU C 162 -25.48 -27.86 16.99
CA LEU C 162 -26.86 -27.98 16.56
C LEU C 162 -27.43 -26.58 16.42
N LEU C 163 -27.53 -26.11 15.18
CA LEU C 163 -28.09 -24.80 14.91
C LEU C 163 -29.42 -25.01 14.19
N PRO C 164 -30.53 -25.07 14.95
CA PRO C 164 -31.84 -25.29 14.30
C PRO C 164 -32.19 -24.04 13.51
N VAL C 165 -32.67 -24.23 12.29
CA VAL C 165 -33.00 -23.10 11.45
C VAL C 165 -34.10 -22.22 12.00
N VAL C 166 -34.19 -21.01 11.46
CA VAL C 166 -35.21 -20.03 11.84
C VAL C 166 -35.85 -19.67 10.47
N ASP C 167 -37.16 -19.93 10.33
CA ASP C 167 -37.81 -19.63 9.07
C ASP C 167 -37.74 -18.14 8.78
N TYR C 168 -38.09 -17.78 7.55
CA TYR C 168 -38.05 -16.38 7.12
C TYR C 168 -38.88 -15.50 7.99
N GLU C 169 -40.18 -15.76 8.07
CA GLU C 169 -41.04 -14.93 8.88
C GLU C 169 -40.78 -15.01 10.38
N HIS C 170 -39.74 -15.73 10.77
CA HIS C 170 -39.37 -15.79 12.17
C HIS C 170 -38.01 -15.10 12.25
N CYS C 171 -37.27 -15.11 11.14
CA CYS C 171 -35.97 -14.46 11.07
C CYS C 171 -36.03 -12.99 10.65
N SER C 172 -37.18 -12.59 10.11
CA SER C 172 -37.44 -11.23 9.63
C SER C 172 -37.96 -10.30 10.71
N GLN C 173 -38.65 -10.84 11.70
CA GLN C 173 -39.22 -10.03 12.78
C GLN C 173 -38.29 -8.91 13.22
N TYR C 174 -38.79 -7.69 13.11
CA TYR C 174 -38.04 -6.48 13.41
C TYR C 174 -36.93 -6.55 14.46
N ASP C 175 -37.13 -7.29 15.55
CA ASP C 175 -36.09 -7.34 16.58
C ASP C 175 -35.02 -8.40 16.40
N TRP C 176 -35.12 -9.14 15.30
CA TRP C 176 -34.14 -10.16 14.93
C TRP C 176 -33.31 -9.53 13.80
N TRP C 177 -33.29 -10.16 12.62
CA TRP C 177 -32.52 -9.69 11.50
C TRP C 177 -33.25 -8.79 10.54
N GLY C 178 -34.33 -8.17 10.99
CA GLY C 178 -35.13 -7.26 10.17
C GLY C 178 -35.18 -7.42 8.66
N ILE C 179 -35.17 -6.26 7.99
CA ILE C 179 -35.20 -6.17 6.53
C ILE C 179 -33.85 -6.54 5.93
N THR C 180 -32.94 -7.02 6.75
CA THR C 180 -31.64 -7.37 6.26
C THR C 180 -31.66 -8.78 5.66
N VAL C 181 -32.52 -9.65 6.17
CA VAL C 181 -32.63 -11.02 5.69
C VAL C 181 -33.53 -11.16 4.45
N LYS C 182 -33.04 -11.84 3.44
CA LYS C 182 -33.78 -12.04 2.20
C LYS C 182 -34.30 -13.48 2.08
N LYS C 183 -35.29 -13.68 1.22
CA LYS C 183 -35.89 -14.98 0.98
C LYS C 183 -34.85 -15.95 0.42
N THR C 184 -33.71 -15.41 0.01
CA THR C 184 -32.63 -16.21 -0.54
C THR C 184 -31.66 -16.72 0.54
N MET C 185 -31.91 -16.37 1.79
CA MET C 185 -31.04 -16.78 2.89
C MET C 185 -31.75 -17.65 3.95
N VAL C 186 -30.95 -18.41 4.71
CA VAL C 186 -31.44 -19.28 5.80
C VAL C 186 -30.82 -18.74 7.05
N CYS C 187 -31.54 -18.77 8.17
CA CYS C 187 -31.03 -18.34 9.46
C CYS C 187 -31.00 -19.59 10.32
N ALA C 188 -29.97 -19.74 11.15
CA ALA C 188 -29.84 -20.91 12.03
C ALA C 188 -29.34 -20.50 13.42
N GLY C 189 -30.01 -20.98 14.45
CA GLY C 189 -29.63 -20.65 15.80
C GLY C 189 -30.45 -19.47 16.29
N GLY C 190 -29.79 -18.46 16.85
CA GLY C 190 -30.49 -17.28 17.33
C GLY C 190 -30.73 -17.28 18.83
N ASP C 191 -30.34 -18.36 19.49
CA ASP C 191 -30.53 -18.47 20.94
C ASP C 191 -29.22 -18.65 21.74
N THR C 192 -29.29 -19.39 22.84
CA THR C 192 -28.10 -19.60 23.65
C THR C 192 -27.14 -20.55 22.92
N ARG C 193 -27.66 -21.35 22.02
CA ARG C 193 -26.81 -22.26 21.26
C ARG C 193 -25.92 -21.32 20.42
N SER C 194 -24.62 -21.60 20.42
CA SER C 194 -23.65 -20.78 19.70
C SER C 194 -23.54 -21.16 18.23
N GLY C 195 -22.97 -20.26 17.43
CA GLY C 195 -22.79 -20.51 16.02
C GLY C 195 -21.34 -20.40 15.58
N CYS C 196 -20.48 -20.10 16.55
CA CYS C 196 -19.02 -19.92 16.38
C CYS C 196 -18.16 -21.11 15.95
N ASP C 197 -18.75 -22.29 15.77
CA ASP C 197 -17.98 -23.48 15.38
C ASP C 197 -17.82 -23.57 13.91
N GLY C 198 -18.39 -22.60 13.20
CA GLY C 198 -18.31 -22.60 11.77
C GLY C 198 -17.37 -21.56 11.22
N ASP C 199 -17.14 -21.65 9.92
CA ASP C 199 -16.28 -20.74 9.19
C ASP C 199 -17.14 -19.99 8.15
N SER C 200 -16.67 -18.85 7.67
CA SER C 200 -17.36 -18.16 6.61
C SER C 200 -17.37 -19.21 5.52
N GLY C 201 -18.44 -19.27 4.73
CA GLY C 201 -18.52 -20.24 3.65
C GLY C 201 -18.70 -21.69 4.06
N GLY C 202 -18.87 -21.94 5.35
CA GLY C 202 -19.04 -23.30 5.83
C GLY C 202 -20.48 -23.77 5.65
N PRO C 203 -20.69 -25.09 5.66
CA PRO C 203 -21.99 -25.75 5.51
C PRO C 203 -23.00 -25.74 6.65
N LEU C 204 -24.28 -25.70 6.25
CA LEU C 204 -25.41 -25.79 7.16
C LEU C 204 -25.99 -27.07 6.63
N ASN C 205 -25.60 -28.18 7.23
CA ASN C 205 -26.05 -29.49 6.80
C ASN C 205 -27.38 -29.81 7.45
N CYS C 206 -28.34 -30.30 6.69
CA CYS C 206 -29.60 -30.67 7.31
C CYS C 206 -29.93 -32.11 6.96
N PRO C 207 -30.64 -32.80 7.86
CA PRO C 207 -30.99 -34.21 7.63
C PRO C 207 -32.18 -34.29 6.69
N ALA C 208 -31.93 -34.70 5.46
CA ALA C 208 -32.99 -34.81 4.46
C ALA C 208 -34.14 -35.75 4.88
N ALA C 209 -35.16 -35.81 4.01
CA ALA C 209 -36.28 -36.73 4.20
C ALA C 209 -35.76 -37.91 3.33
N ASP C 210 -34.99 -38.79 3.98
CA ASP C 210 -34.36 -39.93 3.31
C ASP C 210 -33.39 -40.54 4.32
N GLY C 211 -32.90 -39.68 5.22
CA GLY C 211 -31.92 -40.11 6.21
C GLY C 211 -30.55 -39.49 5.91
N SER C 212 -30.30 -39.22 4.63
CA SER C 212 -29.06 -38.61 4.21
C SER C 212 -29.09 -37.15 4.60
N TRP C 213 -27.93 -36.48 4.49
CA TRP C 213 -27.81 -35.06 4.82
C TRP C 213 -27.66 -34.20 3.54
N GLN C 214 -28.19 -32.97 3.62
CA GLN C 214 -28.13 -32.04 2.51
C GLN C 214 -27.53 -30.71 2.93
N VAL C 215 -26.62 -30.19 2.11
CA VAL C 215 -25.98 -28.89 2.37
C VAL C 215 -26.99 -27.81 2.03
N HIS C 216 -27.74 -27.34 3.01
CA HIS C 216 -28.74 -26.32 2.77
C HIS C 216 -28.20 -24.91 2.72
N GLY C 217 -27.10 -24.67 3.44
CA GLY C 217 -26.53 -23.34 3.49
C GLY C 217 -25.03 -23.20 3.27
N VAL C 218 -24.66 -21.93 3.08
CA VAL C 218 -23.29 -21.47 2.85
C VAL C 218 -23.14 -20.20 3.73
N THR C 219 -22.48 -20.36 4.89
CA THR C 219 -22.27 -19.28 5.86
C THR C 219 -21.88 -17.98 5.21
N SER C 220 -22.67 -16.95 5.43
CA SER C 220 -22.39 -15.66 4.85
C SER C 220 -21.91 -14.74 5.97
N PHE C 221 -22.80 -14.34 6.87
CA PHE C 221 -22.40 -13.45 7.95
C PHE C 221 -23.06 -13.70 9.29
N VAL C 222 -22.53 -13.06 10.32
CA VAL C 222 -23.01 -13.14 11.69
C VAL C 222 -23.10 -11.72 12.22
N SER C 223 -23.57 -11.54 13.45
CA SER C 223 -23.72 -10.21 14.06
C SER C 223 -22.38 -9.55 14.36
N ALA C 224 -22.38 -8.23 14.43
CA ALA C 224 -21.15 -7.51 14.73
C ALA C 224 -20.74 -7.86 16.17
N PHE C 225 -21.76 -8.00 17.02
CA PHE C 225 -21.56 -8.32 18.44
C PHE C 225 -21.07 -9.73 18.77
N GLY C 226 -21.09 -10.64 17.82
CA GLY C 226 -20.61 -11.97 18.10
C GLY C 226 -21.37 -13.06 17.39
N CYS C 227 -20.76 -14.24 17.30
CA CYS C 227 -21.34 -15.42 16.69
C CYS C 227 -22.16 -16.22 17.73
N ASN C 228 -22.81 -15.50 18.62
CA ASN C 228 -23.62 -16.08 19.67
C ASN C 228 -24.29 -14.87 20.27
N THR C 229 -25.31 -14.37 19.60
CA THR C 229 -26.04 -13.22 20.06
C THR C 229 -27.49 -13.64 19.94
N ILE C 230 -28.26 -13.55 21.02
CA ILE C 230 -29.66 -13.95 20.91
C ILE C 230 -30.41 -13.00 19.98
N LYS C 231 -31.26 -13.57 19.14
CA LYS C 231 -32.07 -12.82 18.19
C LYS C 231 -31.33 -12.37 16.92
N LYS C 232 -30.09 -12.81 16.77
CA LYS C 232 -29.29 -12.50 15.59
C LYS C 232 -28.61 -13.79 15.15
N PRO C 233 -29.36 -14.68 14.45
CA PRO C 233 -28.90 -15.98 13.94
C PRO C 233 -27.93 -15.92 12.76
N THR C 234 -27.05 -16.92 12.69
CA THR C 234 -26.08 -16.99 11.62
C THR C 234 -26.83 -17.03 10.31
N VAL C 235 -26.60 -16.04 9.46
CA VAL C 235 -27.24 -16.01 8.15
C VAL C 235 -26.44 -16.81 7.14
N PHE C 236 -27.12 -17.70 6.44
CA PHE C 236 -26.53 -18.52 5.40
C PHE C 236 -27.16 -18.16 4.04
N THR C 237 -26.50 -18.56 2.97
CA THR C 237 -27.00 -18.32 1.63
C THR C 237 -27.76 -19.60 1.29
N ARG C 238 -28.97 -19.48 0.77
CA ARG C 238 -29.75 -20.66 0.42
C ARG C 238 -29.24 -21.25 -0.88
N VAL C 239 -28.47 -22.33 -0.74
CA VAL C 239 -27.86 -23.02 -1.86
C VAL C 239 -28.88 -23.63 -2.82
N SER C 240 -30.17 -23.55 -2.48
CA SER C 240 -31.23 -24.08 -3.36
C SER C 240 -31.59 -22.98 -4.37
N ALA C 241 -31.60 -21.72 -3.90
CA ALA C 241 -31.89 -20.57 -4.76
C ALA C 241 -30.84 -20.42 -5.87
N PHE C 242 -29.73 -21.13 -5.72
CA PHE C 242 -28.63 -21.04 -6.68
C PHE C 242 -28.33 -22.35 -7.34
N ILE C 243 -29.37 -23.16 -7.53
CA ILE C 243 -29.22 -24.45 -8.18
C ILE C 243 -28.98 -24.32 -9.70
N ASP C 244 -29.74 -23.42 -10.34
CA ASP C 244 -29.61 -23.17 -11.78
C ASP C 244 -28.16 -22.75 -12.06
N TRP C 245 -27.75 -21.66 -11.39
CA TRP C 245 -26.41 -21.11 -11.51
C TRP C 245 -25.36 -22.20 -11.34
N ILE C 246 -25.33 -22.83 -10.16
CA ILE C 246 -24.35 -23.89 -9.85
C ILE C 246 -24.15 -24.88 -10.98
N ASN C 247 -25.25 -25.40 -11.49
CA ASN C 247 -25.19 -26.39 -12.55
C ASN C 247 -24.57 -25.96 -13.86
N GLU C 248 -24.90 -24.75 -14.33
CA GLU C 248 -24.32 -24.26 -15.57
C GLU C 248 -22.82 -24.09 -15.36
N THR C 249 -22.43 -23.31 -14.35
CA THR C 249 -21.02 -23.06 -14.07
C THR C 249 -20.22 -24.37 -14.19
N ILE C 250 -20.69 -25.40 -13.50
CA ILE C 250 -20.06 -26.70 -13.53
C ILE C 250 -20.10 -27.20 -14.97
N ALA C 251 -21.19 -26.91 -15.66
CA ALA C 251 -21.35 -27.35 -17.03
C ALA C 251 -20.47 -26.61 -18.03
N SER C 252 -20.73 -25.31 -18.14
CA SER C 252 -20.01 -24.43 -19.04
C SER C 252 -18.50 -24.32 -18.79
N ASN C 253 -17.98 -24.93 -17.73
CA ASN C 253 -16.56 -24.82 -17.40
C ASN C 253 -15.84 -26.11 -16.99
N CYS D 1 22.74 -2.03 -37.82
CA CYS D 1 22.15 -0.89 -37.05
C CYS D 1 20.63 -1.00 -36.98
N GLY D 2 20.00 -0.14 -36.18
CA GLY D 2 18.56 -0.15 -35.97
C GLY D 2 17.54 -0.41 -37.06
N ALA D 3 17.57 -1.63 -37.60
CA ALA D 3 16.65 -2.06 -38.65
C ALA D 3 16.02 -3.42 -38.28
N PRO D 4 14.71 -3.43 -38.02
CA PRO D 4 13.95 -4.62 -37.63
C PRO D 4 13.39 -5.51 -38.73
N ILE D 5 13.28 -6.81 -38.46
CA ILE D 5 12.71 -7.74 -39.43
C ILE D 5 11.20 -7.85 -39.17
N PHE D 6 10.70 -7.10 -38.20
CA PHE D 6 9.28 -7.09 -37.88
C PHE D 6 8.84 -5.64 -37.81
N GLN D 7 8.33 -5.18 -38.94
CA GLN D 7 7.86 -3.82 -39.06
C GLN D 7 6.84 -3.50 -37.96
N PRO D 8 7.14 -2.49 -37.13
CA PRO D 8 6.25 -2.08 -36.04
C PRO D 8 5.08 -1.32 -36.67
N ASN D 9 4.65 -0.25 -36.00
CA ASN D 9 3.57 0.57 -36.50
C ASN D 9 4.08 2.01 -36.66
N LEU D 10 3.17 2.95 -36.56
CA LEU D 10 3.41 4.40 -36.66
C LEU D 10 2.06 4.89 -36.13
N SER D 11 1.64 6.10 -36.44
CA SER D 11 0.31 6.57 -35.97
C SER D 11 -0.77 5.93 -36.89
N ALA D 12 -0.65 4.63 -37.12
CA ALA D 12 -1.54 3.88 -38.01
C ALA D 12 -3.04 3.91 -37.74
N ARG D 13 -3.49 3.30 -36.64
CA ARG D 13 -4.91 3.24 -36.35
C ARG D 13 -5.25 3.01 -34.87
N VAL D 14 -4.51 2.12 -34.23
CA VAL D 14 -4.76 1.78 -32.83
C VAL D 14 -4.70 2.96 -31.87
N VAL D 15 -5.80 3.19 -31.17
CA VAL D 15 -5.93 4.25 -30.16
C VAL D 15 -5.62 3.72 -28.75
N GLY D 16 -4.91 4.54 -27.97
CA GLY D 16 -4.54 4.12 -26.63
C GLY D 16 -3.22 3.38 -26.71
N GLY D 17 -2.56 3.23 -25.57
CA GLY D 17 -1.28 2.55 -25.51
C GLY D 17 -1.29 1.18 -26.13
N GLU D 18 -1.10 1.14 -27.44
CA GLU D 18 -1.06 -0.09 -28.24
C GLU D 18 -0.29 -1.17 -27.50
N ASP D 19 -0.63 -2.43 -27.76
CA ASP D 19 0.13 -3.54 -27.16
C ASP D 19 1.42 -3.38 -27.97
N ALA D 20 1.67 -4.29 -28.91
CA ALA D 20 2.86 -4.18 -29.75
C ALA D 20 2.99 -5.40 -30.65
N ILE D 21 3.40 -5.18 -31.89
CA ILE D 21 3.58 -6.30 -32.80
C ILE D 21 4.72 -7.15 -32.26
N PRO D 22 4.40 -8.35 -31.73
CA PRO D 22 5.41 -9.23 -31.18
C PRO D 22 6.74 -9.21 -31.94
N HIS D 23 7.69 -8.55 -31.32
CA HIS D 23 9.05 -8.45 -31.83
C HIS D 23 9.35 -7.30 -32.83
N SER D 24 8.54 -6.24 -32.82
CA SER D 24 8.76 -5.11 -33.72
C SER D 24 9.74 -4.01 -33.27
N TRP D 25 10.45 -4.25 -32.17
CA TRP D 25 11.46 -3.32 -31.62
C TRP D 25 12.40 -4.28 -30.89
N PRO D 26 13.22 -5.04 -31.65
CA PRO D 26 14.19 -6.04 -31.17
C PRO D 26 15.42 -5.62 -30.34
N TRP D 27 15.50 -4.35 -29.94
CA TRP D 27 16.60 -3.85 -29.10
C TRP D 27 16.01 -3.52 -27.72
N GLN D 28 14.74 -3.88 -27.53
CA GLN D 28 14.03 -3.70 -26.28
C GLN D 28 14.41 -4.87 -25.39
N ILE D 29 15.01 -4.58 -24.24
CA ILE D 29 15.40 -5.63 -23.31
C ILE D 29 14.73 -5.36 -21.96
N SER D 30 14.65 -6.39 -21.14
CA SER D 30 14.06 -6.28 -19.82
C SER D 30 15.11 -6.65 -18.81
N LEU D 31 15.41 -5.70 -17.93
CA LEU D 31 16.41 -5.89 -16.87
C LEU D 31 15.74 -6.50 -15.64
N GLN D 32 16.22 -7.67 -15.23
CA GLN D 32 15.64 -8.36 -14.08
C GLN D 32 16.59 -8.68 -12.96
N TYR D 33 16.01 -8.75 -11.75
CA TYR D 33 16.75 -9.09 -10.52
C TYR D 33 16.15 -10.34 -9.89
N LEU D 34 16.98 -11.07 -9.16
CA LEU D 34 16.60 -12.29 -8.50
C LEU D 34 16.19 -11.99 -7.07
N ARG D 35 15.21 -12.76 -6.55
CA ARG D 35 14.70 -12.66 -5.18
C ARG D 35 14.24 -14.08 -4.90
N ASP D 36 14.96 -14.79 -4.03
CA ASP D 36 14.64 -16.19 -3.73
C ASP D 36 14.99 -17.06 -4.95
N ASN D 37 14.08 -17.15 -5.94
CA ASN D 37 14.37 -17.93 -7.16
C ASN D 37 13.81 -17.23 -8.39
N THR D 38 12.70 -16.53 -8.20
CA THR D 38 12.07 -15.84 -9.30
C THR D 38 12.85 -14.60 -9.73
N TRP D 39 12.83 -14.34 -11.03
CA TRP D 39 13.46 -13.16 -11.62
C TRP D 39 12.31 -12.18 -11.88
N ARG D 40 12.54 -10.92 -11.57
CA ARG D 40 11.51 -9.91 -11.77
C ARG D 40 12.09 -8.70 -12.51
N HIS D 41 11.34 -8.23 -13.48
CA HIS D 41 11.74 -7.11 -14.30
C HIS D 41 11.54 -5.80 -13.54
N THR D 42 12.54 -4.93 -13.57
CA THR D 42 12.39 -3.63 -12.92
C THR D 42 12.49 -2.58 -13.99
N CYS D 43 13.48 -2.70 -14.84
CA CYS D 43 13.68 -1.68 -15.84
C CYS D 43 13.80 -2.16 -17.24
N GLY D 44 13.71 -1.20 -18.16
CA GLY D 44 13.87 -1.49 -19.56
C GLY D 44 15.28 -1.07 -19.95
N GLY D 45 15.64 -1.31 -21.19
CA GLY D 45 16.96 -0.93 -21.67
C GLY D 45 17.00 -1.12 -23.17
N THR D 46 18.15 -0.82 -23.77
CA THR D 46 18.31 -0.96 -25.21
C THR D 46 19.52 -1.80 -25.60
N LEU D 47 19.39 -2.72 -26.54
CA LEU D 47 20.58 -3.49 -26.95
C LEU D 47 21.27 -2.54 -27.92
N ILE D 48 22.58 -2.36 -27.79
CA ILE D 48 23.32 -1.45 -28.70
C ILE D 48 24.57 -2.06 -29.32
N THR D 49 24.88 -3.30 -28.95
CA THR D 49 26.05 -4.03 -29.45
C THR D 49 25.74 -5.46 -29.01
N PRO D 50 26.38 -6.49 -29.62
CA PRO D 50 26.06 -7.85 -29.16
C PRO D 50 26.41 -8.13 -27.69
N ASN D 51 26.74 -7.08 -26.94
CA ASN D 51 27.04 -7.21 -25.51
C ASN D 51 27.20 -5.88 -24.81
N HIS D 52 26.12 -5.11 -24.77
CA HIS D 52 26.11 -3.82 -24.09
C HIS D 52 24.68 -3.35 -24.20
N VAL D 53 24.14 -2.89 -23.10
CA VAL D 53 22.79 -2.37 -23.06
C VAL D 53 22.87 -1.02 -22.37
N LEU D 54 22.23 -0.04 -22.98
CA LEU D 54 22.22 1.27 -22.41
C LEU D 54 21.00 1.24 -21.47
N THR D 55 21.08 1.91 -20.33
CA THR D 55 19.95 1.89 -19.41
C THR D 55 20.04 3.06 -18.46
N ALA D 56 18.98 3.28 -17.67
CA ALA D 56 18.96 4.42 -16.71
C ALA D 56 19.83 4.10 -15.52
N ALA D 57 20.40 5.15 -14.89
CA ALA D 57 21.26 4.99 -13.71
C ALA D 57 20.44 4.65 -12.49
N HIS D 58 19.28 5.30 -12.34
CA HIS D 58 18.41 5.06 -11.21
C HIS D 58 17.86 3.64 -11.16
N CYS D 59 18.21 2.81 -12.13
CA CYS D 59 17.77 1.42 -12.21
C CYS D 59 18.80 0.47 -11.67
N ILE D 60 19.84 1.00 -11.05
CA ILE D 60 20.90 0.12 -10.57
C ILE D 60 21.01 0.20 -9.08
N SER D 61 20.98 -0.96 -8.44
CA SER D 61 21.13 -1.06 -7.00
C SER D 61 22.35 -1.92 -6.76
N ASN D 62 23.42 -1.35 -6.20
CA ASN D 62 24.64 -2.11 -6.02
C ASN D 62 24.53 -3.49 -5.39
N THR D 63 23.43 -3.73 -4.68
CA THR D 63 23.19 -4.99 -4.00
C THR D 63 22.53 -6.13 -4.81
N LEU D 64 21.66 -5.79 -5.76
CA LEU D 64 20.93 -6.77 -6.56
C LEU D 64 21.78 -7.55 -7.57
N THR D 65 21.32 -8.75 -7.93
CA THR D 65 22.01 -9.56 -8.94
C THR D 65 21.08 -9.51 -10.15
N TYR D 66 21.59 -9.04 -11.29
CA TYR D 66 20.78 -8.89 -12.49
C TYR D 66 21.03 -9.90 -13.58
N ARG D 67 20.12 -9.88 -14.53
CA ARG D 67 20.12 -10.73 -15.71
C ARG D 67 19.48 -9.84 -16.78
N VAL D 68 19.83 -10.06 -18.04
CA VAL D 68 19.23 -9.28 -19.09
C VAL D 68 18.38 -10.24 -19.95
N ALA D 69 17.13 -9.86 -20.21
CA ALA D 69 16.23 -10.69 -20.98
C ALA D 69 16.06 -10.16 -22.42
N LEU D 70 16.50 -10.95 -23.39
CA LEU D 70 16.43 -10.55 -24.79
C LEU D 70 15.40 -11.31 -25.68
N GLY D 71 14.84 -10.60 -26.63
CA GLY D 71 13.88 -11.20 -27.54
C GLY D 71 12.56 -11.62 -26.94
N LYS D 72 11.88 -10.69 -26.27
CA LYS D 72 10.60 -10.99 -25.65
C LYS D 72 9.41 -10.10 -26.07
N ASN D 73 8.24 -10.46 -25.56
CA ASN D 73 7.00 -9.71 -25.83
C ASN D 73 6.05 -9.92 -24.65
N ASN D 74 6.03 -11.13 -24.15
CA ASN D 74 5.19 -11.42 -23.00
C ASN D 74 6.11 -11.87 -21.88
N LEU D 75 6.13 -11.08 -20.82
CA LEU D 75 6.97 -11.36 -19.65
C LEU D 75 6.63 -12.65 -18.90
N GLU D 76 5.37 -13.07 -18.98
CA GLU D 76 4.92 -14.29 -18.31
C GLU D 76 5.18 -15.57 -19.15
N VAL D 77 6.31 -15.63 -19.84
CA VAL D 77 6.71 -16.78 -20.68
C VAL D 77 8.20 -17.02 -20.47
N GLU D 78 8.71 -18.17 -20.90
CA GLU D 78 10.14 -18.46 -20.80
C GLU D 78 10.64 -19.34 -21.98
N ASP D 79 10.24 -18.99 -23.21
CA ASP D 79 10.67 -19.72 -24.39
C ASP D 79 10.57 -18.87 -25.65
N GLU D 80 9.35 -18.42 -25.96
CA GLU D 80 9.07 -17.56 -27.12
C GLU D 80 10.01 -17.72 -28.33
N ALA D 81 10.62 -18.89 -28.46
CA ALA D 81 11.57 -19.17 -29.52
C ALA D 81 12.76 -18.21 -29.44
N GLY D 82 12.64 -17.07 -30.11
CA GLY D 82 13.70 -16.08 -30.15
C GLY D 82 13.73 -15.25 -28.90
N SER D 83 14.34 -15.81 -27.85
CA SER D 83 14.44 -15.15 -26.57
C SER D 83 15.73 -15.57 -25.87
N LEU D 84 16.15 -14.80 -24.87
CA LEU D 84 17.39 -15.11 -24.16
C LEU D 84 17.38 -14.53 -22.75
N TYR D 85 18.45 -14.82 -22.01
CA TYR D 85 18.66 -14.33 -20.65
C TYR D 85 20.17 -14.34 -20.50
N VAL D 86 20.78 -13.17 -20.34
CA VAL D 86 22.25 -13.13 -20.22
C VAL D 86 22.71 -12.35 -19.00
N GLY D 87 23.68 -12.95 -18.31
CA GLY D 87 24.22 -12.33 -17.12
C GLY D 87 24.96 -11.09 -17.47
N VAL D 88 25.19 -10.27 -16.46
CA VAL D 88 25.89 -9.02 -16.61
C VAL D 88 27.35 -9.17 -16.17
N ASP D 89 28.26 -8.42 -16.80
CA ASP D 89 29.67 -8.47 -16.45
C ASP D 89 30.02 -7.26 -15.63
N THR D 90 29.62 -6.10 -16.10
CA THR D 90 29.90 -4.87 -15.38
C THR D 90 28.84 -3.87 -15.76
N ILE D 91 28.51 -3.01 -14.81
CA ILE D 91 27.53 -1.97 -15.01
C ILE D 91 28.31 -0.71 -14.66
N PHE D 92 28.58 0.12 -15.66
CA PHE D 92 29.30 1.35 -15.45
C PHE D 92 28.21 2.40 -15.38
N VAL D 93 28.07 2.99 -14.20
CA VAL D 93 27.07 4.02 -13.97
C VAL D 93 27.87 5.31 -14.18
N HIS D 94 27.26 6.32 -14.75
CA HIS D 94 27.94 7.58 -15.00
C HIS D 94 28.40 8.18 -13.68
N GLU D 95 29.71 8.35 -13.54
CA GLU D 95 30.29 8.90 -12.33
C GLU D 95 29.75 10.22 -11.82
N LYS D 96 28.89 10.89 -12.59
CA LYS D 96 28.33 12.18 -12.16
C LYS D 96 26.83 12.09 -11.97
N TRP D 97 26.34 10.86 -11.99
CA TRP D 97 24.93 10.58 -11.81
C TRP D 97 24.58 11.22 -10.50
N ASN D 98 23.48 11.96 -10.47
CA ASN D 98 23.09 12.57 -9.20
C ASN D 98 21.65 12.26 -8.85
N SER D 99 21.47 11.46 -7.81
CA SER D 99 20.17 11.04 -7.35
C SER D 99 19.19 12.09 -6.90
N PHE D 100 19.66 13.07 -6.14
CA PHE D 100 18.77 14.08 -5.64
C PHE D 100 18.20 14.92 -6.77
N LEU D 101 19.09 15.34 -7.67
CA LEU D 101 18.76 16.18 -8.80
C LEU D 101 18.36 15.38 -10.03
N VAL D 102 18.64 14.09 -10.02
CA VAL D 102 18.35 13.21 -11.18
C VAL D 102 18.98 13.78 -12.45
N ARG D 103 20.30 14.02 -12.38
CA ARG D 103 21.06 14.55 -13.48
C ARG D 103 21.95 13.43 -13.98
N ASN D 104 22.09 13.30 -15.30
CA ASN D 104 22.90 12.25 -15.93
C ASN D 104 22.39 10.86 -15.62
N ASP D 105 21.11 10.62 -15.84
CA ASP D 105 20.53 9.32 -15.53
C ASP D 105 20.94 8.33 -16.60
N ILE D 106 22.18 7.86 -16.58
CA ILE D 106 22.63 6.92 -17.60
C ILE D 106 23.51 5.84 -17.00
N ALA D 107 23.57 4.71 -17.67
CA ALA D 107 24.39 3.60 -17.24
C ALA D 107 24.57 2.63 -18.42
N LEU D 108 25.73 2.03 -18.52
CA LEU D 108 26.04 1.10 -19.59
C LEU D 108 26.34 -0.27 -19.00
N ILE D 109 25.55 -1.24 -19.44
CA ILE D 109 25.63 -2.64 -19.00
C ILE D 109 26.45 -3.50 -19.94
N LYS D 110 27.70 -3.75 -19.56
CA LYS D 110 28.55 -4.60 -20.36
C LYS D 110 28.10 -6.03 -20.04
N LEU D 111 27.44 -6.67 -21.00
CA LEU D 111 26.97 -8.04 -20.80
C LEU D 111 28.14 -8.98 -20.55
N ALA D 112 27.89 -10.27 -20.55
CA ALA D 112 28.97 -11.23 -20.31
C ALA D 112 29.13 -12.24 -21.44
N GLU D 113 28.11 -12.34 -22.30
CA GLU D 113 28.12 -13.27 -23.42
C GLU D 113 27.87 -12.54 -24.73
N THR D 114 28.33 -13.16 -25.82
CA THR D 114 28.20 -12.67 -27.20
C THR D 114 26.81 -12.21 -27.63
N VAL D 115 25.78 -12.83 -27.06
CA VAL D 115 24.39 -12.53 -27.38
C VAL D 115 24.20 -12.72 -28.88
N GLU D 116 23.81 -13.95 -29.21
CA GLU D 116 23.54 -14.44 -30.56
C GLU D 116 23.16 -13.48 -31.69
N LEU D 117 22.62 -12.30 -31.33
CA LEU D 117 22.22 -11.28 -32.30
C LEU D 117 21.51 -11.93 -33.48
N GLY D 118 20.34 -12.51 -33.22
CA GLY D 118 19.58 -13.17 -34.25
C GLY D 118 18.53 -12.28 -34.85
N ASP D 119 17.48 -12.95 -35.31
CA ASP D 119 16.33 -12.34 -35.98
C ASP D 119 15.32 -11.57 -35.10
N THR D 120 15.57 -11.49 -33.80
CA THR D 120 14.66 -10.75 -32.91
C THR D 120 15.43 -9.96 -31.84
N ILE D 121 16.75 -10.12 -31.92
CA ILE D 121 17.71 -9.45 -31.06
C ILE D 121 18.37 -8.57 -32.11
N GLN D 122 18.18 -7.27 -31.97
CA GLN D 122 18.73 -6.34 -32.92
C GLN D 122 19.22 -5.14 -32.13
N VAL D 123 20.24 -4.51 -32.67
CA VAL D 123 20.84 -3.33 -32.07
C VAL D 123 20.26 -2.00 -32.61
N ALA D 124 19.73 -1.16 -31.72
CA ALA D 124 19.19 0.13 -32.14
C ALA D 124 20.38 1.01 -32.55
N CYS D 125 20.08 2.18 -33.09
CA CYS D 125 21.12 3.09 -33.54
C CYS D 125 21.27 4.23 -32.59
N LEU D 126 22.52 4.60 -32.35
CA LEU D 126 22.85 5.71 -31.45
C LEU D 126 22.76 6.97 -32.26
N PRO D 127 22.23 8.04 -31.70
CA PRO D 127 22.11 9.31 -32.40
C PRO D 127 23.48 9.91 -32.75
N SER D 128 23.46 11.06 -33.42
CA SER D 128 24.69 11.75 -33.80
C SER D 128 25.02 12.66 -32.62
N GLU D 129 26.28 12.73 -32.26
CA GLU D 129 26.65 13.54 -31.12
C GLU D 129 26.20 14.98 -31.29
N GLY D 130 25.21 15.37 -30.50
CA GLY D 130 24.73 16.74 -30.55
C GLY D 130 23.31 16.89 -31.04
N SER D 131 22.82 15.90 -31.80
CA SER D 131 21.47 15.94 -32.35
C SER D 131 20.46 16.53 -31.36
N LEU D 132 19.82 17.63 -31.74
CA LEU D 132 18.79 18.25 -30.87
C LEU D 132 17.35 18.28 -31.41
N LEU D 133 16.94 17.19 -32.08
CA LEU D 133 15.61 17.02 -32.68
C LEU D 133 14.51 18.06 -32.54
N PRO D 134 13.75 18.25 -33.63
CA PRO D 134 12.65 19.21 -33.69
C PRO D 134 11.46 18.91 -32.76
N GLN D 135 10.95 19.97 -32.12
CA GLN D 135 9.78 19.86 -31.25
C GLN D 135 8.71 19.16 -32.07
N ASP D 136 7.82 18.44 -31.40
CA ASP D 136 6.73 17.73 -32.05
C ASP D 136 7.14 16.46 -32.82
N TYR D 137 8.44 16.25 -32.99
CA TYR D 137 8.88 15.06 -33.72
C TYR D 137 8.28 13.74 -33.16
N PRO D 138 7.68 12.91 -34.03
CA PRO D 138 7.11 11.64 -33.57
C PRO D 138 8.13 10.56 -33.18
N CYS D 139 8.08 10.15 -31.91
CA CYS D 139 8.96 9.11 -31.37
C CYS D 139 8.08 8.12 -30.59
N PHE D 140 8.59 6.90 -30.34
CA PHE D 140 7.82 5.88 -29.63
C PHE D 140 8.49 5.33 -28.37
N VAL D 141 7.77 5.40 -27.26
CA VAL D 141 8.26 4.92 -25.98
C VAL D 141 7.80 3.47 -25.69
N THR D 142 8.58 2.47 -26.07
CA THR D 142 8.18 1.10 -25.82
C THR D 142 8.35 0.76 -24.35
N GLY D 143 8.01 -0.48 -23.97
CA GLY D 143 8.16 -0.88 -22.58
C GLY D 143 7.03 -1.75 -22.06
N TRP D 144 7.27 -2.41 -20.93
CA TRP D 144 6.28 -3.27 -20.32
C TRP D 144 5.53 -2.52 -19.24
N GLY D 145 5.43 -1.20 -19.41
CA GLY D 145 4.68 -0.39 -18.46
C GLY D 145 5.36 -0.01 -17.16
N ARG D 146 5.55 -1.04 -16.30
CA ARG D 146 6.19 -0.95 -14.98
C ARG D 146 6.98 0.33 -14.76
N LEU D 147 6.25 1.39 -14.43
CA LEU D 147 6.83 2.71 -14.17
C LEU D 147 5.96 3.32 -13.05
N TYR D 148 4.65 3.39 -13.29
CA TYR D 148 3.71 3.91 -12.30
C TYR D 148 3.07 2.77 -11.50
N THR D 149 3.46 1.54 -11.87
CA THR D 149 3.02 0.29 -11.24
C THR D 149 1.53 -0.02 -11.05
N ASN D 150 0.80 0.84 -10.33
CA ASN D 150 -0.61 0.60 -10.07
C ASN D 150 -1.62 0.65 -11.22
N GLY D 151 -1.59 -0.41 -12.02
CA GLY D 151 -2.48 -0.57 -13.16
C GLY D 151 -2.14 -1.94 -13.71
N PRO D 152 -3.12 -2.71 -14.23
CA PRO D 152 -2.90 -4.05 -14.80
C PRO D 152 -1.60 -4.22 -15.59
N ILE D 153 -0.50 -4.39 -14.83
CA ILE D 153 0.87 -4.57 -15.29
C ILE D 153 1.22 -4.25 -16.74
N ALA D 154 1.21 -5.27 -17.61
CA ALA D 154 1.51 -5.20 -19.05
C ALA D 154 2.36 -6.37 -19.49
N ALA D 155 1.89 -7.59 -19.25
CA ALA D 155 2.64 -8.79 -19.65
C ALA D 155 2.93 -8.72 -21.12
N GLU D 156 2.11 -7.93 -21.80
CA GLU D 156 2.24 -7.73 -23.24
C GLU D 156 3.04 -6.49 -23.46
N LEU D 157 4.12 -6.64 -24.21
CA LEU D 157 4.99 -5.53 -24.52
C LEU D 157 4.18 -4.41 -25.09
N GLN D 158 4.26 -3.24 -24.48
CA GLN D 158 3.51 -2.09 -24.96
C GLN D 158 4.38 -1.18 -25.83
N GLN D 159 3.75 -0.12 -26.32
CA GLN D 159 4.40 0.86 -27.18
C GLN D 159 3.37 1.94 -27.45
N GLY D 160 3.80 3.20 -27.38
CA GLY D 160 2.91 4.33 -27.61
C GLY D 160 3.76 5.50 -28.03
N LEU D 161 3.17 6.47 -28.72
CA LEU D 161 3.93 7.60 -29.20
C LEU D 161 4.02 8.76 -28.24
N GLN D 162 5.16 9.43 -28.37
CA GLN D 162 5.52 10.57 -27.57
C GLN D 162 6.08 11.57 -28.56
N PRO D 163 5.62 12.83 -28.44
CA PRO D 163 6.09 13.90 -29.33
C PRO D 163 7.17 14.70 -28.63
N VAL D 164 8.36 14.70 -29.21
CA VAL D 164 9.46 15.46 -28.65
C VAL D 164 8.90 16.82 -28.24
N VAL D 165 9.22 17.26 -27.03
CA VAL D 165 8.77 18.54 -26.55
C VAL D 165 10.09 19.24 -26.49
N ASP D 166 10.18 20.43 -27.08
CA ASP D 166 11.48 21.08 -27.06
C ASP D 166 11.91 21.57 -25.68
N TYR D 167 13.22 21.62 -25.49
CA TYR D 167 13.80 22.05 -24.23
C TYR D 167 13.23 23.40 -23.88
N ALA D 168 13.25 24.30 -24.86
CA ALA D 168 12.75 25.64 -24.64
C ALA D 168 11.35 25.57 -24.02
N THR D 169 10.56 24.59 -24.46
CA THR D 169 9.21 24.40 -23.95
C THR D 169 9.20 23.76 -22.57
N CYS D 170 9.88 22.63 -22.42
CA CYS D 170 9.93 21.91 -21.16
C CYS D 170 10.35 22.81 -19.99
N SER D 171 11.48 23.48 -20.18
CA SER D 171 12.07 24.36 -19.18
C SER D 171 11.15 25.50 -18.70
N GLN D 172 10.00 25.68 -19.36
CA GLN D 172 9.07 26.75 -18.95
C GLN D 172 8.78 26.59 -17.44
N ARG D 173 8.84 27.69 -16.69
CA ARG D 173 8.60 27.62 -15.25
C ARG D 173 7.38 26.82 -14.88
N ASP D 174 6.32 26.94 -15.66
CA ASP D 174 5.11 26.21 -15.33
C ASP D 174 5.03 24.82 -15.94
N TRP D 175 6.11 24.41 -16.60
CA TRP D 175 6.25 23.09 -17.19
C TRP D 175 7.11 22.28 -16.21
N TRP D 176 8.33 21.91 -16.59
CA TRP D 176 9.22 21.17 -15.70
C TRP D 176 10.32 22.09 -15.17
N GLY D 177 10.00 23.38 -15.18
CA GLY D 177 10.89 24.43 -14.71
C GLY D 177 12.37 24.19 -14.85
N THR D 178 13.05 24.46 -13.75
CA THR D 178 14.50 24.31 -13.64
C THR D 178 14.96 22.83 -13.65
N THR D 179 14.14 21.96 -13.06
CA THR D 179 14.41 20.53 -12.96
C THR D 179 15.18 20.02 -14.16
N VAL D 180 14.65 20.34 -15.34
CA VAL D 180 15.23 19.93 -16.63
C VAL D 180 16.54 20.67 -16.95
N LYS D 181 17.30 20.11 -17.86
CA LYS D 181 18.56 20.70 -18.28
C LYS D 181 18.69 20.30 -19.75
N GLU D 182 19.45 21.09 -20.51
CA GLU D 182 19.65 20.83 -21.92
C GLU D 182 20.12 19.40 -22.23
N THR D 183 20.51 18.64 -21.21
CA THR D 183 20.95 17.25 -21.41
C THR D 183 19.80 16.26 -21.37
N MET D 184 18.59 16.77 -21.23
CA MET D 184 17.43 15.91 -21.18
C MET D 184 16.52 16.09 -22.38
N VAL D 185 15.79 15.04 -22.76
CA VAL D 185 14.83 15.14 -23.85
C VAL D 185 13.50 15.02 -23.13
N CYS D 186 12.51 15.82 -23.53
CA CYS D 186 11.16 15.71 -22.95
C CYS D 186 10.31 15.04 -24.03
N ALA D 187 9.12 14.62 -23.68
CA ALA D 187 8.24 13.98 -24.65
C ALA D 187 6.93 13.71 -23.92
N GLY D 188 5.94 13.18 -24.63
CA GLY D 188 4.66 12.90 -24.00
C GLY D 188 3.66 13.99 -24.32
N GLY D 189 2.50 13.60 -24.84
CA GLY D 189 1.50 14.59 -25.23
C GLY D 189 0.03 14.47 -24.87
N ASP D 190 -0.38 15.36 -23.97
CA ASP D 190 -1.75 15.52 -23.47
C ASP D 190 -2.59 14.25 -23.28
N GLY D 191 -1.91 13.12 -23.38
CA GLY D 191 -2.50 11.80 -23.23
C GLY D 191 -3.91 11.55 -23.74
N VAL D 192 -4.47 10.49 -23.19
CA VAL D 192 -5.82 9.99 -23.45
C VAL D 192 -5.79 8.62 -22.76
N ILE D 193 -6.12 8.63 -21.47
CA ILE D 193 -6.09 7.44 -20.61
C ILE D 193 -4.64 7.23 -20.15
N SER D 194 -3.70 7.71 -20.97
CA SER D 194 -2.27 7.63 -20.69
C SER D 194 -1.76 6.20 -20.58
N ALA D 195 -1.70 5.67 -19.37
CA ALA D 195 -1.22 4.31 -19.12
C ALA D 195 0.25 4.25 -19.48
N CYS D 196 1.11 4.40 -18.49
CA CYS D 196 2.57 4.37 -18.72
C CYS D 196 3.04 3.05 -19.32
N ASN D 197 3.33 3.06 -20.62
CA ASN D 197 3.78 1.88 -21.35
C ASN D 197 5.29 1.63 -21.31
N GLY D 198 6.07 2.68 -21.13
CA GLY D 198 7.51 2.51 -21.04
C GLY D 198 7.95 2.39 -19.60
N ASP D 199 9.00 1.62 -19.37
CA ASP D 199 9.53 1.47 -18.02
C ASP D 199 10.65 2.47 -17.80
N SER D 200 11.09 2.55 -16.56
CA SER D 200 12.19 3.40 -16.21
C SER D 200 13.31 2.91 -17.11
N GLY D 201 14.11 3.83 -17.63
CA GLY D 201 15.20 3.44 -18.48
C GLY D 201 14.76 2.77 -19.77
N GLY D 202 13.50 2.99 -20.16
CA GLY D 202 13.00 2.44 -21.39
C GLY D 202 13.60 3.26 -22.53
N PRO D 203 13.51 2.82 -23.79
CA PRO D 203 14.08 3.59 -24.90
C PRO D 203 13.11 4.56 -25.56
N LEU D 204 13.61 5.72 -26.00
CA LEU D 204 12.79 6.69 -26.74
C LEU D 204 13.20 6.47 -28.19
N ASN D 205 12.36 5.75 -28.92
CA ASN D 205 12.64 5.40 -30.30
C ASN D 205 12.22 6.46 -31.31
N CYS D 206 13.08 6.67 -32.32
CA CYS D 206 12.80 7.62 -33.39
C CYS D 206 13.48 7.15 -34.69
N GLN D 207 12.85 7.43 -35.84
CA GLN D 207 13.39 7.07 -37.14
C GLN D 207 14.32 8.17 -37.64
N ALA D 208 15.31 7.80 -38.44
CA ALA D 208 16.24 8.77 -38.96
C ALA D 208 16.45 8.41 -40.40
N ASP D 209 15.55 8.87 -41.26
CA ASP D 209 15.67 8.59 -42.68
C ASP D 209 15.79 7.07 -42.73
N GLY D 210 14.74 6.45 -42.22
CA GLY D 210 14.65 5.00 -42.16
C GLY D 210 14.84 4.43 -40.77
N GLN D 211 16.07 3.94 -40.53
CA GLN D 211 16.46 3.31 -39.26
C GLN D 211 16.08 4.10 -38.01
N TRP D 212 15.97 3.39 -36.90
CA TRP D 212 15.62 4.04 -35.65
C TRP D 212 16.84 4.29 -34.78
N ASP D 213 16.82 5.45 -34.11
CA ASP D 213 17.88 5.86 -33.20
C ASP D 213 17.28 5.88 -31.81
N VAL D 214 18.09 5.58 -30.80
CA VAL D 214 17.66 5.62 -29.39
C VAL D 214 17.91 7.08 -29.00
N ARG D 215 16.88 7.89 -28.93
CA ARG D 215 17.11 9.28 -28.56
C ARG D 215 17.03 9.49 -27.06
N GLY D 216 16.36 8.55 -26.38
CA GLY D 216 16.21 8.71 -24.96
C GLY D 216 16.13 7.45 -24.15
N ILE D 217 16.35 7.65 -22.85
CA ILE D 217 16.34 6.65 -21.81
C ILE D 217 15.32 7.26 -20.88
N VAL D 218 14.30 6.51 -20.44
CA VAL D 218 13.29 7.09 -19.54
C VAL D 218 13.90 7.42 -18.16
N SER D 219 13.73 8.66 -17.71
CA SER D 219 14.29 9.10 -16.44
C SER D 219 13.25 9.41 -15.37
N PHE D 220 12.37 10.40 -15.59
CA PHE D 220 11.35 10.73 -14.58
C PHE D 220 10.03 11.39 -15.01
N GLY D 221 9.12 11.50 -14.04
CA GLY D 221 7.81 12.08 -14.26
C GLY D 221 7.14 12.60 -12.99
N SER D 222 5.83 12.36 -12.83
CA SER D 222 5.09 12.89 -11.66
C SER D 222 4.76 11.96 -10.49
N GLY D 223 4.94 10.66 -10.71
CA GLY D 223 4.64 9.71 -9.66
C GLY D 223 3.30 9.08 -9.96
N LEU D 224 2.23 9.78 -9.59
CA LEU D 224 0.86 9.30 -9.81
C LEU D 224 0.26 9.53 -11.18
N SER D 225 0.72 10.57 -11.86
CA SER D 225 0.15 10.88 -13.16
C SER D 225 1.06 10.90 -14.38
N CYS D 226 1.45 9.70 -14.82
CA CYS D 226 2.26 9.54 -16.01
C CYS D 226 1.42 10.20 -17.14
N ASN D 227 1.97 11.26 -17.72
CA ASN D 227 1.36 12.04 -18.80
C ASN D 227 0.36 13.06 -18.28
N THR D 228 0.82 13.86 -17.33
CA THR D 228 0.03 14.95 -16.76
C THR D 228 0.19 16.09 -17.78
N PHE D 229 -0.83 16.91 -17.95
CA PHE D 229 -0.69 17.99 -18.90
C PHE D 229 0.35 18.95 -18.34
N LYS D 230 1.26 19.42 -19.19
CA LYS D 230 2.34 20.35 -18.80
C LYS D 230 3.41 19.70 -17.85
N LYS D 231 3.42 18.37 -17.80
CA LYS D 231 4.35 17.56 -17.01
C LYS D 231 4.70 16.32 -17.83
N PRO D 232 5.48 16.50 -18.93
CA PRO D 232 5.92 15.44 -19.85
C PRO D 232 6.90 14.40 -19.28
N THR D 233 7.10 13.30 -19.99
CA THR D 233 8.04 12.28 -19.52
C THR D 233 9.46 12.81 -19.85
N VAL D 234 10.32 12.86 -18.84
CA VAL D 234 11.68 13.33 -19.05
C VAL D 234 12.54 12.11 -19.29
N PHE D 235 13.38 12.20 -20.33
CA PHE D 235 14.28 11.12 -20.75
C PHE D 235 15.68 11.69 -20.76
N THR D 236 16.68 10.83 -20.84
CA THR D 236 18.06 11.25 -20.91
C THR D 236 18.48 11.32 -22.39
N ARG D 237 19.14 12.41 -22.77
CA ARG D 237 19.61 12.65 -24.14
C ARG D 237 20.83 11.82 -24.53
N VAL D 238 20.60 10.67 -25.15
CA VAL D 238 21.67 9.79 -25.56
C VAL D 238 22.77 10.49 -26.38
N SER D 239 22.39 11.48 -27.18
CA SER D 239 23.34 12.21 -28.04
C SER D 239 24.31 13.02 -27.23
N ALA D 240 23.81 13.55 -26.11
CA ALA D 240 24.64 14.34 -25.22
C ALA D 240 25.68 13.47 -24.47
N TYR D 241 25.58 12.15 -24.64
CA TYR D 241 26.49 11.24 -23.97
C TYR D 241 27.14 10.22 -24.92
N ILE D 242 27.48 10.64 -26.14
CA ILE D 242 28.14 9.74 -27.11
C ILE D 242 29.63 9.49 -26.81
N ASP D 243 30.35 10.48 -26.31
CA ASP D 243 31.76 10.28 -25.97
C ASP D 243 31.85 9.32 -24.75
N TRP D 244 31.04 9.60 -23.71
CA TRP D 244 31.02 8.74 -22.54
C TRP D 244 30.65 7.33 -22.99
N ILE D 245 29.57 7.20 -23.75
CA ILE D 245 29.14 5.90 -24.23
C ILE D 245 30.28 5.22 -24.96
N ASN D 246 30.96 5.98 -25.79
CA ASN D 246 32.07 5.42 -26.58
C ASN D 246 33.31 5.14 -25.77
N GLN D 247 33.47 5.87 -24.66
CA GLN D 247 34.60 5.65 -23.78
C GLN D 247 34.39 4.34 -22.97
N LYS D 248 33.19 4.15 -22.40
CA LYS D 248 32.85 2.94 -21.61
C LYS D 248 32.57 1.70 -22.47
N LEU D 249 32.17 1.92 -23.72
CA LEU D 249 31.92 0.83 -24.64
C LEU D 249 33.18 -0.01 -24.84
N GLN D 250 34.36 0.58 -24.60
CA GLN D 250 35.63 -0.12 -24.76
C GLN D 250 36.32 -0.63 -23.48
N LEU D 251 35.62 -0.59 -22.34
CA LEU D 251 36.19 -1.02 -21.07
C LEU D 251 36.14 -2.52 -20.78
#